data_6KRT
#
_entry.id   6KRT
#
_cell.length_a   74.148
_cell.length_b   88.849
_cell.length_c   129.352
_cell.angle_alpha   90.000
_cell.angle_beta   90.000
_cell.angle_gamma   90.000
#
_symmetry.space_group_name_H-M   'P 21 21 21'
#
loop_
_entity.id
_entity.type
_entity.pdbx_description
1 polymer 'monodehydroascorbate reductase'
2 non-polymer 'FLAVIN-ADENINE DINUCLEOTIDE'
3 water water
#
_entity_poly.entity_id   1
_entity_poly.type   'polypeptide(L)'
_entity_poly.pdbx_seq_one_letter_code
;MATEKHFKYVVLGGGVAGGYAAREFAKQGVQPGELAIISREAVAPYERPALSKAYLFPQNPARLPGFHVCVGSGGERLLP
EWYSEKGIELILNTEIVKADLASKTLTSAAGATFTYEILLIATGSSVIKLSDFGTQGADSNNILYLREVDDADKLYAAIQ
AKKGGKAVVVGGGYIGLELSAVLKMNNLDVTMVFPEPWCMPRLFTAEIAAFYESYYTNKGVKIVKGTVAVGFDADANGDV
TAVKLKDGSVLEADIVVVGVGGRPLTTLFKGQVAEEKGGIKTDASFETSVPGVYAVGDVATFPMKIYNDVRRVEHVDHSR
KSAEQAVKAIKGKESGEAVPEYDYLPYFYSRSFDLSWQFYGDNVGEAVLFGDSDPASAKPKFGSYWIKDGKVVGAFLEGG
SGDENGLIAKVARAQPPVSSIEELKQDGLLFASKI
;
_entity_poly.pdbx_strand_id   A,B
#
loop_
_chem_comp.id
_chem_comp.type
_chem_comp.name
_chem_comp.formula
FAD non-polymer 'FLAVIN-ADENINE DINUCLEOTIDE' 'C27 H33 N9 O15 P2'
#
# COMPACT_ATOMS: atom_id res chain seq x y z
N THR A 3 -8.42 -12.00 -56.80
CA THR A 3 -7.13 -11.72 -57.50
C THR A 3 -6.43 -10.51 -56.86
N GLU A 4 -6.77 -9.30 -57.29
CA GLU A 4 -6.33 -8.04 -56.67
C GLU A 4 -7.53 -7.11 -56.62
N LYS A 5 -7.81 -6.56 -55.44
CA LYS A 5 -8.90 -5.59 -55.25
C LYS A 5 -8.29 -4.26 -54.84
N HIS A 6 -8.82 -3.19 -55.42
CA HIS A 6 -8.46 -1.83 -55.10
C HIS A 6 -9.63 -1.23 -54.32
N PHE A 7 -9.31 -0.47 -53.28
CA PHE A 7 -10.29 0.42 -52.65
C PHE A 7 -9.66 1.76 -52.47
N LYS A 8 -10.46 2.82 -52.57
CA LYS A 8 -9.96 4.13 -52.32
C LYS A 8 -9.46 4.31 -50.87
N TYR A 9 -10.28 3.90 -49.90
CA TYR A 9 -9.89 3.94 -48.50
C TYR A 9 -9.75 2.52 -47.97
N VAL A 10 -8.65 2.20 -47.29
CA VAL A 10 -8.51 0.90 -46.64
C VAL A 10 -8.20 1.10 -45.14
N VAL A 11 -9.02 0.54 -44.29
CA VAL A 11 -8.78 0.48 -42.87
C VAL A 11 -8.20 -0.90 -42.64
N LEU A 12 -7.03 -0.97 -42.01
CA LEU A 12 -6.36 -2.20 -41.68
C LEU A 12 -6.53 -2.46 -40.21
N GLY A 13 -7.39 -3.39 -39.87
CA GLY A 13 -7.66 -3.78 -38.49
C GLY A 13 -9.12 -3.55 -38.18
N GLY A 14 -9.83 -4.60 -37.80
CA GLY A 14 -11.27 -4.55 -37.54
C GLY A 14 -11.62 -4.59 -36.06
N GLY A 15 -10.92 -3.76 -35.30
CA GLY A 15 -11.19 -3.63 -33.89
C GLY A 15 -11.99 -2.39 -33.62
N VAL A 16 -11.68 -1.74 -32.49
CA VAL A 16 -12.49 -0.66 -31.98
C VAL A 16 -12.37 0.49 -32.90
N ALA A 17 -11.14 0.86 -33.15
CA ALA A 17 -10.88 1.99 -33.95
C ALA A 17 -11.29 1.80 -35.42
N GLY A 18 -11.09 0.60 -35.97
CA GLY A 18 -11.57 0.31 -37.34
C GLY A 18 -13.08 0.46 -37.46
N GLY A 19 -13.78 0.00 -36.44
CA GLY A 19 -15.21 0.04 -36.42
C GLY A 19 -15.68 1.47 -36.28
N TYR A 20 -15.07 2.22 -35.38
CA TYR A 20 -15.48 3.58 -35.16
C TYR A 20 -15.15 4.40 -36.39
N ALA A 21 -14.06 4.07 -37.07
CA ALA A 21 -13.71 4.77 -38.30
C ALA A 21 -14.76 4.50 -39.38
N ALA A 22 -15.16 3.25 -39.54
CA ALA A 22 -16.20 2.95 -40.49
C ALA A 22 -17.43 3.83 -40.20
N ARG A 23 -17.77 4.00 -38.92
CA ARG A 23 -18.95 4.81 -38.58
C ARG A 23 -18.77 6.24 -39.01
N GLU A 24 -17.61 6.82 -38.74
CA GLU A 24 -17.35 8.15 -39.23
C GLU A 24 -17.34 8.24 -40.78
N PHE A 25 -16.86 7.20 -41.48
CA PHE A 25 -16.83 7.24 -42.94
C PHE A 25 -18.29 7.40 -43.45
N ALA A 26 -19.22 6.58 -42.95
CA ALA A 26 -20.64 6.65 -43.30
C ALA A 26 -21.23 8.01 -43.01
N LYS A 27 -21.01 8.51 -41.79
CA LYS A 27 -21.38 9.86 -41.39
C LYS A 27 -20.86 10.95 -42.34
N GLN A 28 -19.64 10.79 -42.81
CA GLN A 28 -19.01 11.77 -43.70
C GLN A 28 -19.37 11.57 -45.18
N GLY A 29 -20.19 10.58 -45.50
CA GLY A 29 -20.81 10.46 -46.83
C GLY A 29 -20.01 9.56 -47.76
N VAL A 30 -19.49 8.47 -47.21
CA VAL A 30 -18.72 7.52 -47.99
C VAL A 30 -19.65 6.76 -48.92
N GLN A 31 -19.22 6.62 -50.17
CA GLN A 31 -20.06 5.97 -51.18
C GLN A 31 -19.79 4.48 -51.24
N PRO A 32 -20.84 3.68 -51.58
CA PRO A 32 -20.64 2.25 -51.76
C PRO A 32 -19.44 1.95 -52.68
N GLY A 33 -18.60 0.96 -52.36
CA GLY A 33 -17.47 0.55 -53.22
C GLY A 33 -16.15 1.23 -52.92
N GLU A 34 -16.20 2.33 -52.20
CA GLU A 34 -14.99 3.08 -51.87
C GLU A 34 -14.14 2.55 -50.67
N LEU A 35 -14.80 1.99 -49.64
CA LEU A 35 -14.14 1.73 -48.37
C LEU A 35 -14.09 0.25 -48.12
N ALA A 36 -12.91 -0.23 -47.75
CA ALA A 36 -12.79 -1.59 -47.17
C ALA A 36 -12.18 -1.60 -45.74
N ILE A 37 -12.58 -2.56 -44.91
CA ILE A 37 -12.08 -2.75 -43.59
C ILE A 37 -11.52 -4.18 -43.57
N ILE A 38 -10.23 -4.32 -43.42
CA ILE A 38 -9.59 -5.61 -43.47
C ILE A 38 -9.28 -6.09 -42.05
N SER A 39 -9.76 -7.27 -41.69
CA SER A 39 -9.67 -7.80 -40.35
C SER A 39 -9.30 -9.27 -40.32
N ARG A 40 -8.40 -9.59 -39.40
CA ARG A 40 -7.89 -10.90 -39.04
C ARG A 40 -8.92 -11.81 -38.27
N GLU A 41 -9.87 -11.18 -37.59
CA GLU A 41 -10.87 -11.92 -36.82
C GLU A 41 -12.00 -12.41 -37.71
N ALA A 42 -12.84 -13.25 -37.12
CA ALA A 42 -13.95 -13.91 -37.78
C ALA A 42 -15.25 -13.11 -37.65
N VAL A 43 -15.19 -11.95 -36.99
CA VAL A 43 -16.39 -11.17 -36.67
C VAL A 43 -16.15 -9.70 -36.90
N ALA A 44 -17.28 -9.00 -37.02
CA ALA A 44 -17.30 -7.58 -37.22
C ALA A 44 -16.83 -6.90 -35.95
N PRO A 45 -16.26 -5.70 -36.08
CA PRO A 45 -15.83 -4.84 -34.97
C PRO A 45 -16.72 -4.81 -33.75
N TYR A 46 -16.09 -4.97 -32.60
CA TYR A 46 -16.76 -5.10 -31.34
C TYR A 46 -16.01 -4.35 -30.24
N GLU A 47 -16.71 -4.17 -29.14
CA GLU A 47 -16.29 -3.34 -28.07
C GLU A 47 -15.45 -4.22 -27.18
N ARG A 48 -14.14 -4.22 -27.39
CA ARG A 48 -13.20 -5.18 -26.79
C ARG A 48 -13.18 -5.20 -25.26
N PRO A 49 -13.51 -4.07 -24.61
CA PRO A 49 -13.44 -4.11 -23.16
C PRO A 49 -14.42 -5.11 -22.50
N ALA A 50 -15.51 -5.46 -23.18
CA ALA A 50 -16.45 -6.39 -22.60
C ALA A 50 -15.83 -7.81 -22.44
N LEU A 51 -14.73 -8.09 -23.14
CA LEU A 51 -14.13 -9.44 -23.08
C LEU A 51 -13.64 -9.90 -21.68
N SER A 52 -13.16 -8.97 -20.87
CA SER A 52 -12.70 -9.29 -19.53
C SER A 52 -13.76 -8.93 -18.54
N LYS A 53 -14.98 -8.65 -19.01
CA LYS A 53 -16.08 -8.31 -18.14
C LYS A 53 -17.28 -9.26 -18.40
N ALA A 54 -18.39 -8.77 -18.95
CA ALA A 54 -19.60 -9.62 -19.11
C ALA A 54 -19.42 -10.86 -20.00
N TYR A 55 -18.44 -10.87 -20.90
CA TYR A 55 -18.18 -12.07 -21.68
C TYR A 55 -17.94 -13.31 -20.81
N LEU A 56 -17.42 -13.07 -19.62
CA LEU A 56 -17.02 -14.17 -18.79
C LEU A 56 -17.85 -14.37 -17.52
N PHE A 57 -19.03 -13.77 -17.47
CA PHE A 57 -19.96 -14.00 -16.36
C PHE A 57 -20.49 -15.42 -16.23
N PRO A 58 -20.72 -15.86 -14.98
CA PRO A 58 -21.34 -17.15 -14.67
C PRO A 58 -22.65 -17.48 -15.39
N GLN A 59 -23.63 -16.56 -15.37
CA GLN A 59 -24.89 -16.74 -16.16
C GLN A 59 -25.14 -15.64 -17.17
N ASN A 60 -25.66 -16.05 -18.32
CA ASN A 60 -26.01 -15.15 -19.41
C ASN A 60 -24.91 -14.20 -19.75
N PRO A 61 -23.70 -14.76 -19.93
CA PRO A 61 -22.61 -13.94 -20.38
C PRO A 61 -22.98 -13.22 -21.66
N ALA A 62 -22.48 -12.01 -21.83
CA ALA A 62 -22.56 -11.26 -23.08
C ALA A 62 -21.86 -11.99 -24.25
N ARG A 63 -22.54 -12.01 -25.38
CA ARG A 63 -22.10 -12.76 -26.52
C ARG A 63 -22.42 -11.93 -27.73
N LEU A 64 -21.56 -12.00 -28.75
CA LEU A 64 -21.86 -11.38 -30.04
C LEU A 64 -23.12 -11.99 -30.62
N PRO A 65 -23.97 -11.18 -31.27
CA PRO A 65 -23.65 -9.83 -31.75
C PRO A 65 -24.01 -8.65 -30.83
N GLY A 66 -24.24 -8.90 -29.54
CA GLY A 66 -24.68 -7.81 -28.64
C GLY A 66 -23.73 -6.64 -28.46
N PHE A 67 -22.42 -6.87 -28.46
CA PHE A 67 -21.45 -5.77 -28.15
C PHE A 67 -20.58 -5.47 -29.36
N HIS A 68 -21.14 -5.59 -30.56
CA HIS A 68 -20.47 -4.96 -31.68
C HIS A 68 -20.44 -3.46 -31.42
N VAL A 69 -19.44 -2.76 -31.92
CA VAL A 69 -19.47 -1.30 -31.90
C VAL A 69 -20.79 -0.85 -32.56
N CYS A 70 -21.35 0.28 -32.18
CA CYS A 70 -20.76 1.22 -31.29
C CYS A 70 -21.56 1.33 -30.04
N VAL A 71 -22.16 0.23 -29.59
CA VAL A 71 -23.03 0.30 -28.42
C VAL A 71 -22.25 0.71 -27.17
N GLY A 72 -20.97 0.36 -27.11
CA GLY A 72 -20.16 0.59 -25.88
C GLY A 72 -20.07 2.06 -25.51
N SER A 73 -20.24 2.91 -26.50
CA SER A 73 -20.43 4.35 -26.28
C SER A 73 -21.87 4.80 -26.56
N GLY A 74 -22.83 3.87 -26.66
CA GLY A 74 -24.26 4.23 -26.83
C GLY A 74 -24.79 4.63 -28.22
N GLY A 75 -23.96 4.51 -29.26
CA GLY A 75 -24.38 4.72 -30.63
C GLY A 75 -24.98 3.43 -31.16
N GLU A 76 -25.23 3.38 -32.47
CA GLU A 76 -25.91 2.23 -33.01
C GLU A 76 -24.97 1.04 -33.15
N ARG A 77 -25.55 -0.17 -33.12
CA ARG A 77 -24.86 -1.46 -33.34
C ARG A 77 -24.56 -1.67 -34.83
N LEU A 78 -23.29 -1.82 -35.17
CA LEU A 78 -22.88 -2.06 -36.54
C LEU A 78 -22.80 -3.58 -36.75
N LEU A 79 -23.89 -4.19 -37.18
CA LEU A 79 -23.84 -5.58 -37.58
C LEU A 79 -23.12 -5.75 -38.92
N PRO A 80 -22.65 -6.96 -39.22
CA PRO A 80 -22.09 -7.17 -40.57
C PRO A 80 -22.98 -6.64 -41.72
N GLU A 81 -24.30 -6.78 -41.61
CA GLU A 81 -25.19 -6.31 -42.66
C GLU A 81 -25.26 -4.80 -42.71
N TRP A 82 -24.89 -4.09 -41.64
CA TRP A 82 -24.72 -2.61 -41.72
C TRP A 82 -23.64 -2.23 -42.73
N TYR A 83 -22.53 -2.99 -42.75
CA TYR A 83 -21.42 -2.67 -43.67
C TYR A 83 -21.92 -2.87 -45.12
N SER A 84 -22.43 -4.06 -45.42
CA SER A 84 -22.78 -4.43 -46.76
C SER A 84 -23.95 -3.57 -47.26
N GLU A 85 -24.91 -3.24 -46.41
CA GLU A 85 -25.96 -2.26 -46.78
C GLU A 85 -25.37 -0.94 -47.28
N LYS A 86 -24.25 -0.52 -46.73
CA LYS A 86 -23.59 0.72 -47.17
C LYS A 86 -22.55 0.54 -48.28
N GLY A 87 -22.38 -0.70 -48.74
CA GLY A 87 -21.30 -1.05 -49.69
C GLY A 87 -19.93 -0.74 -49.14
N ILE A 88 -19.76 -1.06 -47.85
CA ILE A 88 -18.46 -1.00 -47.19
C ILE A 88 -18.08 -2.47 -47.09
N GLU A 89 -16.93 -2.80 -47.65
CA GLU A 89 -16.50 -4.19 -47.72
C GLU A 89 -15.75 -4.57 -46.44
N LEU A 90 -16.39 -5.43 -45.66
CA LEU A 90 -15.84 -5.97 -44.44
C LEU A 90 -15.18 -7.27 -44.74
N ILE A 91 -13.87 -7.25 -44.87
CA ILE A 91 -13.18 -8.45 -45.28
C ILE A 91 -12.58 -9.17 -44.07
N LEU A 92 -13.23 -10.25 -43.66
CA LEU A 92 -12.90 -11.01 -42.44
C LEU A 92 -11.93 -12.13 -42.73
N ASN A 93 -11.41 -12.74 -41.65
CA ASN A 93 -10.48 -13.86 -41.71
C ASN A 93 -9.34 -13.63 -42.69
N THR A 94 -8.84 -12.40 -42.71
CA THR A 94 -7.79 -12.01 -43.63
C THR A 94 -6.69 -11.32 -42.85
N GLU A 95 -5.47 -11.80 -42.99
CA GLU A 95 -4.35 -11.24 -42.25
C GLU A 95 -3.40 -10.65 -43.22
N ILE A 96 -3.07 -9.35 -43.08
CA ILE A 96 -2.06 -8.77 -43.92
C ILE A 96 -0.72 -9.21 -43.34
N VAL A 97 0.14 -9.79 -44.17
CA VAL A 97 1.50 -10.15 -43.76
C VAL A 97 2.53 -9.25 -44.44
N LYS A 98 2.09 -8.47 -45.42
CA LYS A 98 3.01 -7.52 -46.04
C LYS A 98 2.30 -6.25 -46.46
N ALA A 99 2.89 -5.13 -46.07
CA ALA A 99 2.43 -3.84 -46.48
C ALA A 99 3.61 -3.13 -47.11
N ASP A 100 3.36 -2.56 -48.29
CA ASP A 100 4.32 -1.78 -49.05
C ASP A 100 3.73 -0.39 -49.36
N LEU A 101 4.13 0.61 -48.58
CA LEU A 101 3.57 1.96 -48.63
C LEU A 101 3.95 2.71 -49.93
N ALA A 102 5.15 2.46 -50.44
CA ALA A 102 5.58 3.07 -51.68
C ALA A 102 4.68 2.65 -52.83
N SER A 103 4.38 1.35 -52.89
CA SER A 103 3.52 0.79 -53.94
C SER A 103 2.01 0.82 -53.56
N LYS A 104 1.70 1.31 -52.38
CA LYS A 104 0.34 1.30 -51.82
C LYS A 104 -0.34 -0.08 -51.95
N THR A 105 0.40 -1.10 -51.51
CA THR A 105 0.03 -2.51 -51.66
C THR A 105 0.13 -3.35 -50.38
N LEU A 106 -0.93 -4.09 -50.08
CA LEU A 106 -1.04 -4.96 -48.91
C LEU A 106 -1.28 -6.37 -49.38
N THR A 107 -0.63 -7.33 -48.71
CA THR A 107 -0.72 -8.76 -49.09
C THR A 107 -1.19 -9.62 -47.91
N SER A 108 -2.16 -10.49 -48.19
CA SER A 108 -2.70 -11.39 -47.21
C SER A 108 -1.81 -12.65 -47.04
N ALA A 109 -2.10 -13.47 -46.03
CA ALA A 109 -1.31 -14.67 -45.78
C ALA A 109 -1.57 -15.61 -46.93
N ALA A 110 -2.80 -15.59 -47.44
CA ALA A 110 -3.21 -16.51 -48.50
C ALA A 110 -2.90 -16.04 -49.91
N GLY A 111 -2.23 -14.91 -50.06
CA GLY A 111 -1.88 -14.42 -51.40
C GLY A 111 -2.72 -13.30 -52.01
N ALA A 112 -3.85 -12.91 -51.43
CA ALA A 112 -4.59 -11.80 -52.05
C ALA A 112 -3.82 -10.52 -51.82
N THR A 113 -3.95 -9.61 -52.77
CA THR A 113 -3.35 -8.30 -52.70
C THR A 113 -4.50 -7.27 -52.70
N PHE A 114 -4.25 -6.18 -52.00
CA PHE A 114 -5.15 -5.07 -51.90
C PHE A 114 -4.33 -3.84 -52.19
N THR A 115 -4.94 -2.92 -52.95
CA THR A 115 -4.37 -1.60 -53.15
C THR A 115 -5.33 -0.50 -52.66
N TYR A 116 -4.75 0.66 -52.39
CA TYR A 116 -5.47 1.72 -51.73
C TYR A 116 -4.93 3.06 -52.18
N GLU A 117 -5.74 4.06 -52.03
CA GLU A 117 -5.24 5.42 -52.10
C GLU A 117 -4.85 5.93 -50.71
N ILE A 118 -5.74 5.73 -49.75
CA ILE A 118 -5.62 6.25 -48.40
C ILE A 118 -5.66 5.04 -47.46
N LEU A 119 -4.67 4.91 -46.55
CA LEU A 119 -4.56 3.78 -45.57
C LEU A 119 -4.74 4.23 -44.12
N LEU A 120 -5.73 3.65 -43.41
CA LEU A 120 -5.90 3.87 -41.97
C LEU A 120 -5.41 2.65 -41.20
N ILE A 121 -4.26 2.79 -40.55
CA ILE A 121 -3.70 1.70 -39.75
C ILE A 121 -4.28 1.65 -38.33
N ALA A 122 -5.01 0.60 -37.99
CA ALA A 122 -5.62 0.48 -36.70
C ALA A 122 -5.38 -0.93 -36.22
N THR A 123 -4.15 -1.33 -36.17
CA THR A 123 -3.84 -2.70 -35.88
C THR A 123 -3.80 -3.07 -34.39
N GLY A 124 -3.88 -2.09 -33.50
CA GLY A 124 -3.92 -2.36 -32.06
C GLY A 124 -2.62 -2.90 -31.44
N SER A 125 -2.80 -3.84 -30.53
CA SER A 125 -1.71 -4.30 -29.69
C SER A 125 -1.69 -5.82 -29.65
N SER A 126 -0.53 -6.41 -29.33
CA SER A 126 -0.51 -7.82 -28.96
C SER A 126 0.03 -8.06 -27.56
N VAL A 127 -0.42 -9.15 -26.97
CA VAL A 127 0.08 -9.55 -25.64
C VAL A 127 1.60 -9.83 -25.66
N ILE A 128 2.22 -9.45 -24.56
CA ILE A 128 3.51 -9.98 -24.14
C ILE A 128 3.22 -11.30 -23.39
N LYS A 129 3.95 -12.36 -23.77
CA LYS A 129 3.77 -13.66 -23.13
C LYS A 129 5.00 -14.06 -22.32
N LEU A 130 4.82 -14.95 -21.37
CA LEU A 130 5.91 -15.31 -20.48
C LEU A 130 6.89 -16.16 -21.21
N SER A 131 6.45 -16.87 -22.25
CA SER A 131 7.34 -17.58 -23.14
C SER A 131 8.32 -16.61 -23.81
N ASP A 132 7.89 -15.35 -24.06
CA ASP A 132 8.76 -14.41 -24.70
C ASP A 132 10.14 -14.44 -24.04
N PHE A 133 10.21 -14.50 -22.71
CA PHE A 133 11.55 -14.53 -22.09
C PHE A 133 11.92 -15.86 -21.42
N GLY A 134 11.55 -16.95 -22.10
CA GLY A 134 11.94 -18.28 -21.68
C GLY A 134 11.45 -18.80 -20.35
N THR A 135 10.33 -18.29 -19.82
CA THR A 135 9.90 -18.76 -18.50
C THR A 135 9.63 -20.26 -18.63
N GLN A 136 10.18 -21.03 -17.69
CA GLN A 136 10.02 -22.47 -17.64
C GLN A 136 8.54 -22.90 -17.55
N GLY A 137 8.19 -23.85 -18.40
CA GLY A 137 6.86 -24.42 -18.45
C GLY A 137 5.73 -23.46 -18.86
N ALA A 138 6.07 -22.30 -19.43
CA ALA A 138 5.08 -21.28 -19.88
C ALA A 138 4.20 -21.71 -21.03
N ASP A 139 4.58 -22.75 -21.73
CA ASP A 139 3.79 -23.30 -22.83
C ASP A 139 2.73 -24.31 -22.36
N SER A 140 2.67 -24.59 -21.07
CA SER A 140 1.70 -25.54 -20.56
C SER A 140 0.24 -25.11 -20.88
N ASN A 141 -0.64 -26.09 -21.03
CA ASN A 141 -2.04 -25.80 -21.39
C ASN A 141 -2.73 -25.20 -20.19
N ASN A 142 -3.68 -24.30 -20.44
CA ASN A 142 -4.42 -23.62 -19.43
C ASN A 142 -3.66 -22.47 -18.84
N ILE A 143 -2.53 -22.09 -19.47
CA ILE A 143 -1.88 -20.80 -19.22
C ILE A 143 -2.35 -19.92 -20.34
N LEU A 144 -3.12 -18.88 -20.01
CA LEU A 144 -3.97 -18.23 -21.03
C LEU A 144 -3.85 -16.73 -21.00
N TYR A 145 -4.04 -16.13 -22.18
CA TYR A 145 -3.87 -14.72 -22.37
C TYR A 145 -5.20 -14.22 -22.87
N LEU A 146 -5.46 -12.92 -22.79
CA LEU A 146 -6.75 -12.42 -23.22
C LEU A 146 -6.55 -11.17 -23.99
N ARG A 147 -6.80 -11.26 -25.30
CA ARG A 147 -6.80 -10.13 -26.20
C ARG A 147 -8.03 -10.03 -27.13
N GLU A 148 -8.34 -11.08 -27.88
CA GLU A 148 -9.43 -11.11 -28.86
C GLU A 148 -10.51 -12.11 -28.47
N VAL A 149 -11.67 -11.98 -29.10
CA VAL A 149 -12.85 -12.80 -28.72
C VAL A 149 -12.62 -14.32 -28.78
N ASP A 150 -11.75 -14.72 -29.69
CA ASP A 150 -11.34 -16.09 -29.77
C ASP A 150 -10.58 -16.54 -28.49
N ASP A 151 -9.68 -15.70 -27.97
CA ASP A 151 -9.05 -15.96 -26.65
C ASP A 151 -10.12 -16.09 -25.54
N ALA A 152 -11.15 -15.27 -25.67
CA ALA A 152 -12.17 -15.16 -24.63
C ALA A 152 -12.94 -16.44 -24.56
N ASP A 153 -13.29 -16.99 -25.72
CA ASP A 153 -13.98 -18.28 -25.74
C ASP A 153 -13.14 -19.37 -25.11
N LYS A 154 -11.82 -19.40 -25.38
CA LYS A 154 -10.99 -20.45 -24.81
C LYS A 154 -10.91 -20.28 -23.30
N LEU A 155 -10.82 -19.03 -22.84
CA LEU A 155 -10.74 -18.80 -21.42
C LEU A 155 -12.07 -19.23 -20.84
N TYR A 156 -13.16 -18.94 -21.51
CA TYR A 156 -14.46 -19.27 -20.95
C TYR A 156 -14.61 -20.76 -20.84
N ALA A 157 -14.20 -21.49 -21.88
CA ALA A 157 -14.27 -22.98 -21.88
C ALA A 157 -13.42 -23.57 -20.76
N ALA A 158 -12.24 -23.00 -20.50
CA ALA A 158 -11.39 -23.47 -19.39
C ALA A 158 -11.94 -23.08 -18.00
N ILE A 159 -12.56 -21.93 -17.86
CA ILE A 159 -13.25 -21.62 -16.64
C ILE A 159 -14.34 -22.67 -16.38
N GLN A 160 -15.10 -23.08 -17.41
CA GLN A 160 -16.17 -24.09 -17.21
C GLN A 160 -15.59 -25.44 -16.78
N ALA A 161 -14.56 -25.90 -17.48
CA ALA A 161 -13.85 -27.14 -17.08
C ALA A 161 -13.32 -27.14 -15.63
N LYS A 162 -12.77 -26.01 -15.16
CA LYS A 162 -12.07 -26.04 -13.88
C LYS A 162 -12.84 -25.41 -12.70
N LYS A 163 -14.16 -25.34 -12.78
CA LYS A 163 -14.94 -24.69 -11.73
C LYS A 163 -14.71 -25.39 -10.44
N GLY A 164 -14.65 -24.62 -9.37
CA GLY A 164 -14.26 -25.15 -8.09
C GLY A 164 -12.79 -25.46 -8.02
N GLY A 165 -12.02 -24.87 -8.94
CA GLY A 165 -10.59 -25.04 -8.94
C GLY A 165 -9.84 -23.82 -8.41
N LYS A 166 -8.53 -23.89 -8.61
CA LYS A 166 -7.60 -22.86 -8.23
C LYS A 166 -7.10 -22.17 -9.49
N ALA A 167 -7.10 -20.85 -9.44
CA ALA A 167 -6.72 -20.00 -10.54
C ALA A 167 -5.66 -19.05 -9.98
N VAL A 168 -4.55 -18.92 -10.69
CA VAL A 168 -3.56 -17.88 -10.45
C VAL A 168 -3.60 -16.88 -11.60
N VAL A 169 -3.63 -15.60 -11.25
CA VAL A 169 -3.59 -14.46 -12.19
C VAL A 169 -2.22 -13.79 -12.05
N VAL A 170 -1.53 -13.64 -13.15
CA VAL A 170 -0.20 -13.07 -13.14
C VAL A 170 -0.31 -11.74 -13.80
N GLY A 171 -0.19 -10.70 -12.99
CA GLY A 171 -0.26 -9.32 -13.42
C GLY A 171 -1.15 -8.53 -12.50
N GLY A 172 -0.85 -7.25 -12.37
CA GLY A 172 -1.59 -6.37 -11.50
C GLY A 172 -2.09 -5.14 -12.24
N GLY A 173 -2.15 -5.24 -13.58
CA GLY A 173 -2.67 -4.19 -14.39
C GLY A 173 -4.17 -4.39 -14.39
N TYR A 174 -4.88 -3.63 -15.21
CA TYR A 174 -6.33 -3.70 -15.32
C TYR A 174 -6.76 -5.08 -15.79
N ILE A 175 -5.93 -5.73 -16.61
CA ILE A 175 -6.26 -7.09 -17.01
C ILE A 175 -6.28 -8.02 -15.80
N GLY A 176 -5.20 -8.03 -15.04
CA GLY A 176 -5.15 -8.77 -13.78
C GLY A 176 -6.36 -8.53 -12.85
N LEU A 177 -6.72 -7.27 -12.62
CA LEU A 177 -7.74 -6.94 -11.66
C LEU A 177 -9.09 -7.40 -12.13
N GLU A 178 -9.43 -7.04 -13.36
CA GLU A 178 -10.68 -7.48 -13.98
C GLU A 178 -10.81 -8.99 -14.02
N LEU A 179 -9.80 -9.70 -14.46
CA LEU A 179 -9.92 -11.15 -14.54
C LEU A 179 -9.92 -11.83 -13.19
N SER A 180 -9.31 -11.19 -12.20
CA SER A 180 -9.26 -11.80 -10.88
C SER A 180 -10.65 -11.85 -10.33
N ALA A 181 -11.32 -10.71 -10.45
CA ALA A 181 -12.72 -10.60 -10.12
C ALA A 181 -13.55 -11.65 -10.86
N VAL A 182 -13.51 -11.72 -12.21
CA VAL A 182 -14.41 -12.67 -12.90
C VAL A 182 -14.17 -14.11 -12.51
N LEU A 183 -12.92 -14.51 -12.33
CA LEU A 183 -12.64 -15.87 -11.88
C LEU A 183 -13.24 -16.20 -10.48
N LYS A 184 -13.34 -15.20 -9.61
CA LYS A 184 -13.87 -15.39 -8.23
C LYS A 184 -15.39 -15.46 -8.29
N MET A 185 -16.00 -14.63 -9.11
CA MET A 185 -17.42 -14.79 -9.49
C MET A 185 -17.84 -16.16 -10.16
N ASN A 186 -16.88 -16.86 -10.76
CA ASN A 186 -17.14 -18.15 -11.32
C ASN A 186 -16.76 -19.21 -10.35
N ASN A 187 -16.43 -18.77 -9.14
CA ASN A 187 -16.15 -19.61 -7.99
C ASN A 187 -14.89 -20.36 -8.06
N LEU A 188 -13.84 -19.80 -8.67
CA LEU A 188 -12.54 -20.42 -8.47
C LEU A 188 -11.88 -19.73 -7.32
N ASP A 189 -10.88 -20.39 -6.80
CA ASP A 189 -10.04 -19.94 -5.71
C ASP A 189 -8.93 -19.15 -6.38
N VAL A 190 -8.93 -17.84 -6.23
CA VAL A 190 -8.06 -16.95 -6.95
C VAL A 190 -6.95 -16.34 -6.12
N THR A 191 -5.71 -16.51 -6.58
CA THR A 191 -4.54 -15.79 -6.09
C THR A 191 -3.90 -14.90 -7.19
N MET A 192 -3.87 -13.60 -6.96
CA MET A 192 -3.26 -12.63 -7.87
C MET A 192 -1.80 -12.38 -7.51
N VAL A 193 -0.90 -12.41 -8.50
CA VAL A 193 0.52 -12.25 -8.29
C VAL A 193 1.15 -11.23 -9.24
N PHE A 194 1.88 -10.24 -8.68
CA PHE A 194 2.61 -9.21 -9.50
C PHE A 194 3.83 -8.63 -8.78
N PRO A 195 4.90 -8.25 -9.55
CA PRO A 195 6.18 -7.72 -9.03
C PRO A 195 6.18 -6.27 -8.54
N GLU A 196 5.30 -5.42 -9.11
CA GLU A 196 5.18 -4.03 -8.64
C GLU A 196 4.64 -3.99 -7.21
N PRO A 197 4.82 -2.86 -6.51
CA PRO A 197 4.49 -2.82 -5.06
C PRO A 197 3.02 -2.57 -4.71
N TRP A 198 2.21 -2.14 -5.68
CA TRP A 198 0.77 -2.13 -5.51
C TRP A 198 0.11 -2.18 -6.89
N CYS A 199 -1.20 -2.39 -6.95
CA CYS A 199 -1.85 -2.74 -8.22
C CYS A 199 -2.09 -1.51 -9.07
N MET A 200 -2.26 -1.69 -10.38
CA MET A 200 -2.45 -0.54 -11.29
C MET A 200 -1.36 0.53 -11.07
N PRO A 201 -0.07 0.10 -11.03
CA PRO A 201 1.05 0.97 -10.60
C PRO A 201 1.36 2.18 -11.47
N ARG A 202 0.87 2.23 -12.70
CA ARG A 202 1.10 3.38 -13.58
C ARG A 202 0.05 4.47 -13.32
N LEU A 203 -1.06 4.10 -12.69
CA LEU A 203 -2.17 4.99 -12.38
C LEU A 203 -2.46 5.16 -10.89
N PHE A 204 -2.80 4.09 -10.20
CA PHE A 204 -3.15 4.21 -8.81
C PHE A 204 -1.98 4.76 -7.97
N THR A 205 -2.31 5.55 -6.96
CA THR A 205 -1.37 5.82 -5.87
C THR A 205 -1.49 4.68 -4.88
N ALA A 206 -0.58 4.67 -3.92
CA ALA A 206 -0.55 3.68 -2.88
C ALA A 206 -1.89 3.60 -2.08
N GLU A 207 -2.49 4.73 -1.78
CA GLU A 207 -3.74 4.74 -0.97
C GLU A 207 -4.90 4.23 -1.82
N ILE A 208 -4.97 4.65 -3.08
CA ILE A 208 -6.01 4.10 -3.95
C ILE A 208 -5.89 2.60 -4.01
N ALA A 209 -4.69 2.13 -4.27
CA ALA A 209 -4.48 0.75 -4.44
C ALA A 209 -4.87 0.00 -3.20
N ALA A 210 -4.62 0.59 -2.02
CA ALA A 210 -4.94 -0.12 -0.78
C ALA A 210 -6.46 -0.30 -0.61
N PHE A 211 -7.28 0.59 -1.15
CA PHE A 211 -8.72 0.30 -1.19
C PHE A 211 -9.01 -0.99 -1.97
N TYR A 212 -8.43 -1.11 -3.16
CA TYR A 212 -8.79 -2.20 -4.06
C TYR A 212 -8.26 -3.49 -3.56
N GLU A 213 -7.01 -3.48 -3.06
CA GLU A 213 -6.38 -4.69 -2.56
C GLU A 213 -7.08 -5.25 -1.31
N SER A 214 -7.51 -4.39 -0.43
CA SER A 214 -8.28 -4.82 0.71
C SER A 214 -9.66 -5.32 0.24
N TYR A 215 -10.31 -4.62 -0.67
CA TYR A 215 -11.63 -5.05 -1.16
C TYR A 215 -11.57 -6.45 -1.76
N TYR A 216 -10.49 -6.74 -2.48
CA TYR A 216 -10.31 -8.00 -3.16
C TYR A 216 -10.06 -9.13 -2.23
N THR A 217 -9.34 -8.80 -1.15
CA THR A 217 -8.95 -9.81 -0.20
C THR A 217 -10.18 -10.20 0.60
N ASN A 218 -11.07 -9.25 0.80
CA ASN A 218 -12.33 -9.49 1.52
C ASN A 218 -13.28 -10.38 0.70
N LYS A 219 -13.29 -10.19 -0.62
CA LYS A 219 -13.95 -11.12 -1.54
C LYS A 219 -13.32 -12.50 -1.64
N GLY A 220 -12.14 -12.70 -1.08
CA GLY A 220 -11.54 -14.01 -1.15
C GLY A 220 -10.39 -14.10 -2.12
N VAL A 221 -10.16 -13.07 -2.90
CA VAL A 221 -8.94 -13.02 -3.76
C VAL A 221 -7.67 -12.72 -3.00
N LYS A 222 -6.79 -13.68 -2.89
CA LYS A 222 -5.51 -13.41 -2.24
C LYS A 222 -4.60 -12.54 -3.19
N ILE A 223 -3.70 -11.76 -2.59
CA ILE A 223 -2.80 -10.87 -3.34
C ILE A 223 -1.41 -11.04 -2.78
N VAL A 224 -0.50 -11.52 -3.63
CA VAL A 224 0.91 -11.60 -3.38
C VAL A 224 1.65 -10.60 -4.30
N LYS A 225 2.38 -9.68 -3.65
CA LYS A 225 3.10 -8.60 -4.29
C LYS A 225 4.60 -8.77 -4.25
N GLY A 226 5.26 -8.22 -5.25
CA GLY A 226 6.72 -8.03 -5.21
C GLY A 226 7.53 -9.21 -5.66
N THR A 227 6.88 -10.08 -6.43
CA THR A 227 7.46 -11.31 -6.93
C THR A 227 6.94 -11.57 -8.35
N VAL A 228 7.37 -12.65 -8.94
CA VAL A 228 6.98 -12.94 -10.29
C VAL A 228 7.03 -14.46 -10.47
N ALA A 229 6.31 -14.97 -11.45
CA ALA A 229 6.42 -16.38 -11.79
C ALA A 229 7.64 -16.60 -12.62
N VAL A 230 8.43 -17.59 -12.24
CA VAL A 230 9.66 -17.95 -12.92
C VAL A 230 9.60 -19.38 -13.43
N GLY A 231 8.47 -20.04 -13.18
CA GLY A 231 8.32 -21.43 -13.54
C GLY A 231 6.88 -21.85 -13.42
N PHE A 232 6.58 -22.94 -14.11
CA PHE A 232 5.28 -23.56 -14.05
C PHE A 232 5.47 -25.05 -14.09
N ASP A 233 4.80 -25.74 -13.16
CA ASP A 233 4.78 -27.18 -13.20
C ASP A 233 3.55 -27.59 -14.00
N ALA A 234 3.68 -28.70 -14.70
CA ALA A 234 2.62 -29.29 -15.53
C ALA A 234 2.29 -30.70 -15.05
N ASP A 235 1.56 -31.45 -15.89
CA ASP A 235 1.28 -32.87 -15.65
C ASP A 235 1.31 -33.66 -16.98
N ALA A 236 0.96 -34.94 -16.91
CA ALA A 236 1.08 -35.81 -18.06
C ALA A 236 0.35 -35.36 -19.35
N ASN A 237 -0.86 -34.80 -19.25
CA ASN A 237 -1.53 -34.34 -20.49
C ASN A 237 -0.89 -32.98 -20.91
N GLY A 238 -0.12 -32.39 -20.00
CA GLY A 238 0.67 -31.15 -20.29
C GLY A 238 0.06 -29.88 -19.72
N ASP A 239 -0.74 -30.05 -18.67
CA ASP A 239 -1.66 -29.04 -18.21
C ASP A 239 -1.04 -28.46 -16.98
N VAL A 240 -1.13 -27.14 -16.81
CA VAL A 240 -0.50 -26.51 -15.67
C VAL A 240 -1.06 -27.04 -14.38
N THR A 241 -0.18 -27.31 -13.45
CA THR A 241 -0.56 -27.68 -12.09
C THR A 241 -0.07 -26.70 -11.01
N ALA A 242 0.89 -25.85 -11.33
CA ALA A 242 1.55 -25.06 -10.28
C ALA A 242 2.38 -23.92 -10.83
N VAL A 243 2.46 -22.84 -10.07
CA VAL A 243 3.13 -21.66 -10.48
C VAL A 243 4.21 -21.41 -9.47
N LYS A 244 5.46 -21.32 -9.93
CA LYS A 244 6.61 -21.25 -9.02
C LYS A 244 7.01 -19.80 -8.94
N LEU A 245 6.91 -19.23 -7.73
CA LEU A 245 7.28 -17.84 -7.49
C LEU A 245 8.77 -17.66 -7.22
N LYS A 246 9.23 -16.44 -7.45
CA LYS A 246 10.64 -16.07 -7.50
C LYS A 246 11.17 -16.16 -6.09
N ASP A 247 10.30 -15.84 -5.14
CA ASP A 247 10.63 -15.92 -3.73
C ASP A 247 10.54 -17.34 -3.20
N GLY A 248 10.76 -18.36 -4.03
CA GLY A 248 10.77 -19.77 -3.61
C GLY A 248 9.41 -20.47 -3.45
N SER A 249 8.36 -19.69 -3.18
CA SER A 249 6.98 -20.19 -2.93
C SER A 249 6.35 -20.85 -4.16
N VAL A 250 5.26 -21.57 -3.94
CA VAL A 250 4.61 -22.34 -5.01
C VAL A 250 3.09 -22.23 -4.84
N LEU A 251 2.37 -21.89 -5.90
CA LEU A 251 0.89 -21.86 -5.87
C LEU A 251 0.26 -22.96 -6.74
N GLU A 252 -0.57 -23.81 -6.12
CA GLU A 252 -1.44 -24.74 -6.84
C GLU A 252 -2.21 -23.94 -7.88
N ALA A 253 -2.37 -24.51 -9.06
CA ALA A 253 -3.05 -23.79 -10.16
C ALA A 253 -3.60 -24.76 -11.17
N ASP A 254 -4.93 -24.70 -11.38
CA ASP A 254 -5.61 -25.36 -12.54
C ASP A 254 -5.76 -24.45 -13.75
N ILE A 255 -5.68 -23.16 -13.56
CA ILE A 255 -5.75 -22.29 -14.69
C ILE A 255 -4.92 -21.09 -14.36
N VAL A 256 -4.13 -20.61 -15.32
CA VAL A 256 -3.32 -19.43 -15.09
C VAL A 256 -3.72 -18.44 -16.16
N VAL A 257 -3.96 -17.22 -15.76
CA VAL A 257 -4.31 -16.17 -16.68
C VAL A 257 -3.23 -15.12 -16.58
N VAL A 258 -2.62 -14.74 -17.69
CA VAL A 258 -1.48 -13.83 -17.64
C VAL A 258 -1.82 -12.50 -18.32
N GLY A 259 -1.42 -11.41 -17.71
CA GLY A 259 -1.62 -10.07 -18.23
C GLY A 259 -0.48 -9.21 -17.78
N VAL A 260 0.65 -9.28 -18.50
CA VAL A 260 1.84 -8.50 -18.16
C VAL A 260 2.12 -7.51 -19.27
N GLY A 261 1.03 -7.04 -19.88
CA GLY A 261 1.14 -5.91 -20.80
C GLY A 261 1.20 -6.33 -22.25
N GLY A 262 1.44 -5.35 -23.10
CA GLY A 262 1.26 -5.48 -24.52
C GLY A 262 2.24 -4.62 -25.31
N ARG A 263 2.14 -4.75 -26.62
CA ARG A 263 2.94 -3.98 -27.54
C ARG A 263 2.14 -3.69 -28.81
N PRO A 264 2.30 -2.48 -29.32
CA PRO A 264 1.60 -2.12 -30.54
C PRO A 264 2.10 -2.89 -31.72
N LEU A 265 1.19 -3.44 -32.50
CA LEU A 265 1.57 -4.16 -33.69
C LEU A 265 1.87 -3.21 -34.81
N THR A 266 3.09 -2.70 -34.81
CA THR A 266 3.59 -1.83 -35.87
C THR A 266 4.48 -2.61 -36.87
N THR A 267 4.50 -3.93 -36.75
CA THR A 267 5.54 -4.74 -37.38
C THR A 267 5.52 -4.68 -38.89
N LEU A 268 4.34 -4.47 -39.45
CA LEU A 268 4.23 -4.39 -40.89
C LEU A 268 4.91 -3.17 -41.49
N PHE A 269 5.04 -2.11 -40.72
CA PHE A 269 5.43 -0.82 -41.25
C PHE A 269 6.78 -0.40 -40.79
N LYS A 270 7.52 -1.31 -40.16
CA LYS A 270 8.86 -1.03 -39.59
C LYS A 270 9.80 -0.49 -40.66
N GLY A 271 10.37 0.68 -40.42
CA GLY A 271 11.30 1.29 -41.36
C GLY A 271 10.62 2.11 -42.44
N GLN A 272 9.29 2.06 -42.53
CA GLN A 272 8.56 2.73 -43.62
C GLN A 272 7.87 4.04 -43.15
N VAL A 273 7.64 4.17 -41.82
CA VAL A 273 7.12 5.41 -41.23
C VAL A 273 7.98 5.72 -40.03
N ALA A 274 8.02 6.99 -39.64
CA ALA A 274 8.67 7.42 -38.39
C ALA A 274 7.94 6.82 -37.18
N GLU A 275 8.74 6.37 -36.21
CA GLU A 275 8.29 5.75 -34.98
C GLU A 275 8.82 6.54 -33.81
N GLU A 276 8.06 6.56 -32.72
CA GLU A 276 8.40 7.31 -31.54
C GLU A 276 7.66 6.73 -30.34
N LYS A 277 8.40 6.52 -29.25
CA LYS A 277 7.91 5.93 -28.00
C LYS A 277 7.16 4.64 -28.23
N GLY A 278 7.72 3.83 -29.14
CA GLY A 278 7.18 2.51 -29.42
C GLY A 278 6.02 2.48 -30.43
N GLY A 279 5.50 3.63 -30.82
CA GLY A 279 4.32 3.70 -31.69
C GLY A 279 4.62 4.29 -33.03
N ILE A 280 3.58 4.47 -33.86
CA ILE A 280 3.73 5.21 -35.09
C ILE A 280 3.45 6.71 -34.88
N LYS A 281 4.42 7.56 -35.19
CA LYS A 281 4.34 8.97 -34.88
C LYS A 281 3.29 9.60 -35.75
N THR A 282 2.31 10.29 -35.16
CA THR A 282 1.34 11.00 -35.98
C THR A 282 1.35 12.49 -35.64
N ASP A 283 0.80 13.30 -36.56
CA ASP A 283 0.44 14.69 -36.26
C ASP A 283 -0.95 14.71 -35.59
N ALA A 284 -1.48 15.90 -35.39
CA ALA A 284 -2.70 16.13 -34.64
C ALA A 284 -3.97 15.75 -35.42
N SER A 285 -3.80 15.31 -36.66
CA SER A 285 -4.85 14.75 -37.50
C SER A 285 -4.67 13.26 -37.75
N PHE A 286 -3.69 12.68 -37.07
CA PHE A 286 -3.31 11.27 -37.15
C PHE A 286 -2.66 10.79 -38.43
N GLU A 287 -2.14 11.70 -39.25
CA GLU A 287 -1.37 11.34 -40.42
C GLU A 287 0.08 11.06 -40.05
N THR A 288 0.62 9.99 -40.62
CA THR A 288 1.99 9.55 -40.36
C THR A 288 3.02 10.32 -41.20
N SER A 289 4.28 9.86 -41.16
CA SER A 289 5.35 10.28 -42.12
C SER A 289 5.01 10.14 -43.61
N VAL A 290 4.17 9.17 -43.95
CA VAL A 290 3.85 8.92 -45.35
C VAL A 290 2.46 9.46 -45.70
N PRO A 291 2.40 10.42 -46.63
CA PRO A 291 1.13 11.10 -46.86
C PRO A 291 0.02 10.17 -47.32
N GLY A 292 -1.22 10.43 -46.94
CA GLY A 292 -2.28 9.51 -47.29
C GLY A 292 -2.25 8.20 -46.47
N VAL A 293 -1.31 8.07 -45.52
CA VAL A 293 -1.29 6.98 -44.50
C VAL A 293 -1.48 7.54 -43.09
N TYR A 294 -2.51 7.10 -42.38
CA TYR A 294 -2.84 7.49 -41.01
C TYR A 294 -2.69 6.32 -40.01
N ALA A 295 -2.51 6.62 -38.71
CA ALA A 295 -2.44 5.58 -37.65
C ALA A 295 -3.21 6.03 -36.39
N VAL A 296 -4.02 5.16 -35.82
CA VAL A 296 -4.94 5.52 -34.77
C VAL A 296 -4.98 4.47 -33.68
N GLY A 297 -5.68 4.79 -32.56
CA GLY A 297 -5.85 3.86 -31.44
C GLY A 297 -4.49 3.48 -30.82
N ASP A 298 -4.35 2.25 -30.32
CA ASP A 298 -3.12 1.88 -29.54
C ASP A 298 -1.80 2.18 -30.29
N VAL A 299 -1.79 2.08 -31.62
CA VAL A 299 -0.52 2.16 -32.33
C VAL A 299 0.04 3.54 -32.45
N ALA A 300 -0.81 4.55 -32.30
CA ALA A 300 -0.41 5.93 -32.65
C ALA A 300 0.27 6.70 -31.49
N THR A 301 1.38 7.35 -31.80
CA THR A 301 2.04 8.28 -30.91
C THR A 301 1.80 9.70 -31.39
N PHE A 302 0.99 10.45 -30.62
CA PHE A 302 0.41 11.68 -31.12
C PHE A 302 0.65 12.88 -30.19
N PRO A 303 0.57 14.09 -30.74
CA PRO A 303 0.65 15.30 -29.89
C PRO A 303 -0.51 15.39 -28.93
N MET A 304 -0.20 15.38 -27.65
CA MET A 304 -1.19 15.55 -26.62
C MET A 304 -1.16 17.05 -26.30
N LYS A 305 -2.16 17.75 -26.82
CA LYS A 305 -2.20 19.21 -26.85
C LYS A 305 -2.37 19.82 -25.45
N ILE A 306 -3.26 19.26 -24.62
CA ILE A 306 -3.49 19.78 -23.26
C ILE A 306 -2.23 19.88 -22.36
N TYR A 307 -1.28 18.95 -22.53
CA TYR A 307 0.01 18.97 -21.78
C TYR A 307 1.20 19.24 -22.68
N ASN A 308 0.97 19.71 -23.90
CA ASN A 308 2.05 20.02 -24.82
C ASN A 308 3.19 18.94 -24.87
N ASP A 309 2.79 17.67 -24.95
CA ASP A 309 3.65 16.46 -24.89
C ASP A 309 3.42 15.62 -26.15
N VAL A 310 4.16 14.52 -26.29
CA VAL A 310 3.87 13.53 -27.33
C VAL A 310 3.74 12.20 -26.60
N ARG A 311 2.65 11.50 -26.83
CA ARG A 311 2.30 10.34 -26.00
C ARG A 311 1.61 9.24 -26.83
N ARG A 312 1.63 8.05 -26.28
CA ARG A 312 0.94 6.91 -26.83
C ARG A 312 0.10 6.34 -25.72
N VAL A 313 -1.17 6.09 -25.97
CA VAL A 313 -2.05 5.56 -24.92
C VAL A 313 -2.79 4.32 -25.38
N GLU A 314 -3.34 3.60 -24.41
CA GLU A 314 -4.13 2.40 -24.66
C GLU A 314 -5.48 2.62 -23.96
N HIS A 315 -6.36 3.36 -24.61
CA HIS A 315 -7.59 3.78 -23.97
C HIS A 315 -8.67 3.53 -24.98
N VAL A 316 -9.72 2.82 -24.57
CA VAL A 316 -10.83 2.61 -25.51
C VAL A 316 -11.37 3.94 -26.03
N ASP A 317 -11.34 4.98 -25.22
CA ASP A 317 -12.01 6.21 -25.61
C ASP A 317 -11.14 6.91 -26.66
N HIS A 318 -9.85 6.85 -26.48
CA HIS A 318 -8.95 7.34 -27.51
C HIS A 318 -9.06 6.50 -28.83
N SER A 319 -9.26 5.19 -28.73
CA SER A 319 -9.38 4.45 -29.97
C SER A 319 -10.54 4.98 -30.79
N ARG A 320 -11.68 5.17 -30.12
CA ARG A 320 -12.88 5.72 -30.72
C ARG A 320 -12.68 7.12 -31.27
N LYS A 321 -12.14 8.00 -30.45
CA LYS A 321 -11.97 9.41 -30.89
C LYS A 321 -10.88 9.62 -31.94
N SER A 322 -9.73 8.96 -31.80
CA SER A 322 -8.64 9.08 -32.76
C SER A 322 -9.13 8.64 -34.18
N ALA A 323 -9.91 7.58 -34.24
CA ALA A 323 -10.43 7.09 -35.52
C ALA A 323 -11.36 8.12 -36.19
N GLU A 324 -12.17 8.78 -35.38
CA GLU A 324 -13.10 9.80 -35.87
C GLU A 324 -12.28 10.95 -36.40
N GLN A 325 -11.24 11.33 -35.65
CA GLN A 325 -10.39 12.41 -36.02
C GLN A 325 -9.72 12.12 -37.34
N ALA A 326 -9.18 10.93 -37.55
CA ALA A 326 -8.48 10.64 -38.81
C ALA A 326 -9.46 10.72 -40.01
N VAL A 327 -10.66 10.19 -39.86
CA VAL A 327 -11.63 10.18 -40.94
C VAL A 327 -12.05 11.62 -41.26
N LYS A 328 -12.29 12.43 -40.23
CA LYS A 328 -12.55 13.86 -40.43
C LYS A 328 -11.39 14.56 -41.10
N ALA A 329 -10.13 14.20 -40.76
CA ALA A 329 -8.97 14.78 -41.47
C ALA A 329 -8.83 14.39 -42.92
N ILE A 330 -9.14 13.14 -43.23
CA ILE A 330 -9.07 12.68 -44.63
C ILE A 330 -10.11 13.39 -45.51
N LYS A 331 -11.34 13.50 -45.01
CA LYS A 331 -12.39 14.20 -45.73
C LYS A 331 -12.14 15.71 -45.77
N GLY A 332 -11.59 16.25 -44.68
CA GLY A 332 -11.11 17.63 -44.69
C GLY A 332 -10.10 17.95 -45.78
N LYS A 333 -9.10 17.09 -45.93
CA LYS A 333 -8.13 17.21 -47.04
C LYS A 333 -8.77 17.18 -48.45
N GLU A 334 -9.80 16.36 -48.65
CA GLU A 334 -10.49 16.24 -49.96
C GLU A 334 -11.26 17.50 -50.32
N SER A 335 -11.90 18.07 -49.31
CA SER A 335 -12.83 19.17 -49.53
C SER A 335 -12.21 20.53 -49.26
N GLY A 336 -10.92 20.60 -48.94
CA GLY A 336 -10.27 21.85 -48.46
C GLY A 336 -10.53 22.31 -47.01
N GLU A 337 -11.76 22.13 -46.52
CA GLU A 337 -12.21 22.61 -45.19
C GLU A 337 -11.26 22.29 -43.99
N ALA A 338 -11.11 23.26 -43.09
CA ALA A 338 -10.16 23.17 -41.96
C ALA A 338 -10.58 22.11 -40.94
N VAL A 339 -9.64 21.32 -40.42
CA VAL A 339 -9.97 20.42 -39.30
C VAL A 339 -9.18 20.74 -38.07
N PRO A 340 -9.88 20.89 -36.93
CA PRO A 340 -9.19 21.26 -35.71
C PRO A 340 -8.32 20.12 -35.15
N GLU A 341 -7.24 20.53 -34.49
CA GLU A 341 -6.25 19.63 -33.94
C GLU A 341 -6.88 18.69 -32.93
N TYR A 342 -6.44 17.43 -32.93
CA TYR A 342 -6.92 16.52 -31.90
C TYR A 342 -6.66 17.15 -30.53
N ASP A 343 -7.68 17.19 -29.70
CA ASP A 343 -7.56 17.65 -28.28
C ASP A 343 -8.17 16.68 -27.26
N TYR A 344 -7.41 15.62 -26.99
CA TYR A 344 -7.83 14.52 -26.11
C TYR A 344 -7.54 14.80 -24.62
N LEU A 345 -8.53 14.51 -23.80
CA LEU A 345 -8.37 14.46 -22.35
C LEU A 345 -8.27 13.01 -21.91
N PRO A 346 -7.09 12.54 -21.41
CA PRO A 346 -7.03 11.14 -21.08
C PRO A 346 -8.19 10.69 -20.16
N TYR A 347 -8.66 9.48 -20.39
CA TYR A 347 -9.81 8.99 -19.70
C TYR A 347 -9.71 7.51 -19.65
N PHE A 348 -9.67 6.97 -18.44
CA PHE A 348 -9.61 5.54 -18.26
C PHE A 348 -10.67 5.07 -17.28
N TYR A 349 -11.11 3.85 -17.43
CA TYR A 349 -12.06 3.33 -16.51
C TYR A 349 -11.89 1.84 -16.36
N SER A 350 -12.51 1.33 -15.29
CA SER A 350 -12.52 -0.10 -15.03
C SER A 350 -13.75 -0.42 -14.24
N ARG A 351 -14.12 -1.69 -14.21
CA ARG A 351 -15.22 -2.20 -13.40
C ARG A 351 -14.83 -3.59 -13.02
N SER A 352 -14.96 -3.90 -11.73
CA SER A 352 -14.73 -5.26 -11.24
C SER A 352 -15.69 -5.48 -10.08
N PHE A 353 -16.08 -6.73 -9.83
CA PHE A 353 -17.06 -7.00 -8.78
C PHE A 353 -18.21 -5.98 -8.91
N ASP A 354 -18.64 -5.32 -7.83
CA ASP A 354 -19.71 -4.32 -8.01
C ASP A 354 -19.16 -2.93 -7.89
N LEU A 355 -17.82 -2.86 -8.02
CA LEU A 355 -17.03 -1.62 -8.05
C LEU A 355 -16.91 -1.08 -9.45
N SER A 356 -16.74 0.25 -9.51
CA SER A 356 -16.68 0.96 -10.76
C SER A 356 -16.01 2.29 -10.55
N TRP A 357 -14.87 2.52 -11.22
CA TRP A 357 -14.13 3.79 -11.15
C TRP A 357 -13.79 4.41 -12.49
N GLN A 358 -13.63 5.74 -12.48
CA GLN A 358 -13.12 6.52 -13.57
C GLN A 358 -11.87 7.38 -13.21
N PHE A 359 -11.09 7.77 -14.21
CA PHE A 359 -9.99 8.70 -14.05
C PHE A 359 -9.86 9.55 -15.25
N TYR A 360 -9.56 10.84 -15.04
CA TYR A 360 -9.44 11.82 -16.09
C TYR A 360 -8.23 12.65 -15.80
N GLY A 361 -7.54 13.02 -16.86
CA GLY A 361 -6.44 13.92 -16.80
C GLY A 361 -5.09 13.25 -16.76
N ASP A 362 -4.19 13.80 -15.95
CA ASP A 362 -2.82 13.37 -15.78
C ASP A 362 -2.52 13.12 -14.28
N ASN A 363 -2.00 11.93 -13.99
CA ASN A 363 -1.66 11.57 -12.63
C ASN A 363 -0.22 11.91 -12.30
N VAL A 364 0.15 13.20 -12.35
CA VAL A 364 1.47 13.71 -11.94
C VAL A 364 1.27 14.60 -10.71
N GLY A 365 2.33 14.83 -9.95
CA GLY A 365 2.29 15.73 -8.79
C GLY A 365 1.87 15.04 -7.49
N GLU A 366 1.19 15.77 -6.60
CA GLU A 366 0.79 15.20 -5.32
C GLU A 366 -0.68 14.77 -5.31
N ALA A 367 -0.95 13.53 -4.97
CA ALA A 367 -2.33 13.06 -4.89
C ALA A 367 -2.90 13.40 -3.52
N VAL A 368 -4.18 13.75 -3.51
CA VAL A 368 -4.95 13.92 -2.27
C VAL A 368 -6.26 13.18 -2.38
N LEU A 369 -6.50 12.27 -1.43
CA LEU A 369 -7.75 11.55 -1.29
C LEU A 369 -8.86 12.41 -0.67
N PHE A 370 -10.10 12.10 -1.02
CA PHE A 370 -11.28 12.63 -0.33
C PHE A 370 -12.34 11.58 -0.29
N GLY A 371 -13.38 11.86 0.48
CA GLY A 371 -14.50 10.91 0.60
C GLY A 371 -14.10 9.70 1.40
N ASP A 372 -14.76 8.57 1.16
CA ASP A 372 -14.79 7.44 2.07
C ASP A 372 -14.14 6.10 1.59
N SER A 373 -12.94 5.81 2.11
CA SER A 373 -12.06 4.73 1.65
C SER A 373 -12.21 3.41 2.35
N ASP A 374 -13.28 3.23 3.11
CA ASP A 374 -13.39 2.04 3.92
C ASP A 374 -13.98 0.99 3.00
N PRO A 375 -13.26 -0.13 2.81
CA PRO A 375 -13.77 -1.10 1.85
C PRO A 375 -14.99 -1.85 2.36
N ALA A 376 -15.29 -1.64 3.65
CA ALA A 376 -16.37 -2.35 4.34
C ALA A 376 -17.70 -1.59 4.26
N SER A 377 -17.67 -0.40 3.68
CA SER A 377 -18.89 0.27 3.27
C SER A 377 -19.58 -0.57 2.18
N ALA A 378 -20.91 -0.69 2.27
CA ALA A 378 -21.70 -1.48 1.28
C ALA A 378 -21.73 -0.82 -0.09
N LYS A 379 -21.66 0.52 -0.09
CA LYS A 379 -21.73 1.34 -1.28
C LYS A 379 -20.55 2.34 -1.21
N PRO A 380 -19.32 1.85 -1.50
CA PRO A 380 -18.15 2.70 -1.30
C PRO A 380 -18.03 3.80 -2.33
N LYS A 381 -17.61 4.96 -1.86
CA LYS A 381 -17.48 6.12 -2.66
C LYS A 381 -16.27 6.91 -2.20
N PHE A 382 -15.31 7.15 -3.08
CA PHE A 382 -14.18 8.03 -2.77
C PHE A 382 -13.37 8.37 -3.99
N GLY A 383 -12.63 9.46 -3.89
CA GLY A 383 -11.89 9.98 -5.00
C GLY A 383 -10.47 10.39 -4.66
N SER A 384 -9.84 11.03 -5.64
CA SER A 384 -8.52 11.52 -5.44
C SER A 384 -8.19 12.52 -6.49
N TYR A 385 -7.57 13.63 -6.11
CA TYR A 385 -7.14 14.64 -7.05
C TYR A 385 -5.62 14.70 -7.11
N TRP A 386 -5.06 14.96 -8.29
CA TRP A 386 -3.63 15.22 -8.41
C TRP A 386 -3.37 16.67 -8.65
N ILE A 387 -2.47 17.26 -7.87
CA ILE A 387 -2.14 18.69 -7.85
C ILE A 387 -0.71 18.92 -8.28
N LYS A 388 -0.53 19.76 -9.28
CA LYS A 388 0.76 20.15 -9.84
C LYS A 388 0.71 21.67 -10.04
N ASP A 389 1.62 22.41 -9.40
CA ASP A 389 1.75 23.89 -9.56
C ASP A 389 0.51 24.63 -9.08
N GLY A 390 -0.05 24.21 -7.95
CA GLY A 390 -1.30 24.78 -7.43
C GLY A 390 -2.51 24.63 -8.34
N LYS A 391 -2.47 23.65 -9.25
CA LYS A 391 -3.59 23.30 -10.15
C LYS A 391 -3.89 21.80 -10.14
N VAL A 392 -5.17 21.47 -10.03
CA VAL A 392 -5.61 20.06 -10.08
C VAL A 392 -5.51 19.60 -11.54
N VAL A 393 -4.66 18.60 -11.81
CA VAL A 393 -4.41 18.11 -13.17
C VAL A 393 -4.90 16.69 -13.45
N GLY A 394 -5.34 15.99 -12.41
CA GLY A 394 -5.96 14.69 -12.55
C GLY A 394 -7.01 14.43 -11.54
N ALA A 395 -7.97 13.55 -11.85
CA ALA A 395 -9.04 13.19 -10.91
C ALA A 395 -9.51 11.77 -11.09
N PHE A 396 -9.75 11.14 -9.97
CA PHE A 396 -10.15 9.80 -9.92
C PHE A 396 -11.43 9.76 -9.02
N LEU A 397 -12.28 8.75 -9.25
CA LEU A 397 -13.53 8.53 -8.49
C LEU A 397 -13.98 7.07 -8.55
N GLU A 398 -14.09 6.45 -7.38
CA GLU A 398 -14.66 5.11 -7.23
C GLU A 398 -16.04 5.25 -6.67
N GLY A 399 -17.02 4.97 -7.53
CA GLY A 399 -18.37 4.67 -7.05
C GLY A 399 -19.25 5.88 -7.19
N GLY A 400 -18.84 6.78 -8.07
CA GLY A 400 -19.66 7.87 -8.47
C GLY A 400 -20.90 7.42 -9.24
N SER A 401 -22.02 8.06 -8.88
CA SER A 401 -23.13 8.29 -9.80
C SER A 401 -22.52 8.73 -11.14
N GLY A 402 -23.35 8.77 -12.17
CA GLY A 402 -22.98 9.35 -13.46
C GLY A 402 -22.82 10.88 -13.53
N ASP A 403 -23.49 11.62 -12.66
CA ASP A 403 -23.39 13.12 -12.63
C ASP A 403 -22.01 13.63 -12.19
N GLU A 404 -21.50 12.95 -11.18
CA GLU A 404 -20.24 13.29 -10.54
C GLU A 404 -19.06 13.03 -11.49
N ASN A 405 -19.07 11.86 -12.15
CA ASN A 405 -18.09 11.57 -13.22
C ASN A 405 -18.00 12.70 -14.24
N GLY A 406 -19.13 13.30 -14.55
CA GLY A 406 -19.14 14.51 -15.34
C GLY A 406 -18.37 15.67 -14.75
N LEU A 407 -18.49 15.87 -13.46
CA LEU A 407 -17.75 16.96 -12.80
C LEU A 407 -16.22 16.78 -12.81
N ILE A 408 -15.76 15.61 -12.38
CA ILE A 408 -14.31 15.41 -12.32
C ILE A 408 -13.65 15.59 -13.69
N ALA A 409 -14.35 15.17 -14.76
CA ALA A 409 -13.90 15.38 -16.13
C ALA A 409 -13.74 16.84 -16.42
N LYS A 410 -14.65 17.62 -15.89
CA LYS A 410 -14.58 19.06 -16.06
C LYS A 410 -13.41 19.67 -15.27
N VAL A 411 -13.22 19.19 -14.04
CA VAL A 411 -12.05 19.57 -13.21
C VAL A 411 -10.78 19.26 -13.99
N ALA A 412 -10.70 18.02 -14.51
CA ALA A 412 -9.49 17.58 -15.23
C ALA A 412 -9.19 18.47 -16.39
N ARG A 413 -10.20 18.95 -17.10
CA ARG A 413 -9.96 19.85 -18.24
C ARG A 413 -9.60 21.30 -17.87
N ALA A 414 -10.33 21.85 -16.91
CA ALA A 414 -10.20 23.28 -16.56
C ALA A 414 -8.91 23.58 -15.78
N GLN A 415 -8.43 22.57 -15.03
CA GLN A 415 -7.19 22.69 -14.28
C GLN A 415 -7.23 23.81 -13.26
N PRO A 416 -8.25 23.77 -12.40
CA PRO A 416 -8.58 24.84 -11.46
C PRO A 416 -7.55 24.95 -10.31
N PRO A 417 -7.27 26.20 -9.87
CA PRO A 417 -6.30 26.39 -8.76
C PRO A 417 -6.77 25.78 -7.43
N VAL A 418 -5.82 25.58 -6.52
CA VAL A 418 -6.14 25.09 -5.19
C VAL A 418 -5.66 26.16 -4.20
N SER A 419 -6.62 26.79 -3.52
CA SER A 419 -6.29 27.63 -2.38
C SER A 419 -5.98 26.71 -1.22
N SER A 420 -7.00 26.01 -0.74
CA SER A 420 -6.93 25.29 0.52
C SER A 420 -7.10 23.77 0.36
N ILE A 421 -6.09 23.04 0.84
CA ILE A 421 -6.12 21.58 0.86
C ILE A 421 -7.23 21.02 1.77
N GLU A 422 -7.46 21.68 2.91
CA GLU A 422 -8.47 21.24 3.90
C GLU A 422 -9.88 21.35 3.35
N GLU A 423 -10.20 22.51 2.78
CA GLU A 423 -11.50 22.74 2.16
C GLU A 423 -11.69 21.83 0.93
N LEU A 424 -10.63 21.12 0.52
CA LEU A 424 -10.69 20.17 -0.59
C LEU A 424 -10.94 18.72 -0.15
N LYS A 425 -10.49 18.34 1.04
CA LYS A 425 -10.63 16.94 1.51
C LYS A 425 -11.95 16.63 2.24
N GLN A 426 -12.45 17.60 2.99
CA GLN A 426 -13.81 17.53 3.52
C GLN A 426 -14.75 17.52 2.34
N ASP A 427 -14.46 18.43 1.41
CA ASP A 427 -15.40 18.82 0.36
C ASP A 427 -14.97 18.34 -1.02
N GLY A 428 -14.64 17.06 -1.17
CA GLY A 428 -14.08 16.55 -2.44
C GLY A 428 -14.88 16.84 -3.70
N LEU A 429 -16.04 16.20 -3.82
CA LEU A 429 -16.88 16.47 -4.99
C LEU A 429 -17.43 17.90 -5.01
N LEU A 430 -17.48 18.54 -3.85
CA LEU A 430 -18.02 19.91 -3.72
C LEU A 430 -17.01 21.00 -4.17
N PHE A 431 -15.72 20.68 -4.15
CA PHE A 431 -14.68 21.60 -4.67
C PHE A 431 -14.86 21.82 -6.20
N ALA A 432 -15.23 20.72 -6.85
CA ALA A 432 -15.36 20.62 -8.30
C ALA A 432 -16.35 21.68 -8.83
N SER A 433 -17.51 21.71 -8.20
CA SER A 433 -18.54 22.70 -8.53
C SER A 433 -18.10 24.17 -8.56
N LYS A 434 -17.05 24.53 -7.81
CA LYS A 434 -16.61 25.91 -7.68
C LYS A 434 -15.52 26.34 -8.67
N ILE A 435 -15.56 25.80 -9.89
CA ILE A 435 -14.85 26.42 -11.02
C ILE A 435 -15.86 27.27 -11.82
N ALA B 2 6.86 -10.76 59.01
CA ALA B 2 8.06 -9.92 58.69
C ALA B 2 8.03 -9.42 57.21
N THR B 3 7.98 -8.11 56.92
CA THR B 3 7.98 -6.97 57.87
C THR B 3 7.44 -5.65 57.19
N GLU B 4 7.72 -4.47 57.77
CA GLU B 4 7.40 -3.17 57.14
C GLU B 4 8.62 -2.25 56.94
N LYS B 5 8.72 -1.63 55.76
CA LYS B 5 9.76 -0.62 55.48
C LYS B 5 9.11 0.66 54.92
N HIS B 6 9.63 1.84 55.32
CA HIS B 6 9.14 3.11 54.83
C HIS B 6 10.26 3.76 54.01
N PHE B 7 9.87 4.45 52.93
CA PHE B 7 10.84 5.24 52.12
C PHE B 7 10.16 6.56 51.82
N LYS B 8 10.90 7.65 51.89
CA LYS B 8 10.32 8.92 51.53
C LYS B 8 9.80 8.82 50.11
N TYR B 9 10.60 8.26 49.21
CA TYR B 9 10.22 8.13 47.79
C TYR B 9 10.17 6.65 47.36
N VAL B 10 9.07 6.23 46.77
CA VAL B 10 9.02 4.94 46.19
C VAL B 10 8.67 5.11 44.71
N VAL B 11 9.47 4.44 43.87
CA VAL B 11 9.18 4.27 42.48
C VAL B 11 8.67 2.86 42.29
N LEU B 12 7.40 2.73 41.89
CA LEU B 12 6.78 1.45 41.64
C LEU B 12 6.89 1.11 40.14
N GLY B 13 7.75 0.13 39.84
CA GLY B 13 8.08 -0.27 38.49
C GLY B 13 9.56 -0.04 38.19
N GLY B 14 10.31 -1.09 37.96
CA GLY B 14 11.77 -1.00 37.67
C GLY B 14 12.04 -1.15 36.20
N GLY B 15 11.34 -0.38 35.37
CA GLY B 15 11.49 -0.50 33.91
C GLY B 15 12.24 0.69 33.43
N VAL B 16 11.90 1.20 32.25
CA VAL B 16 12.64 2.35 31.68
C VAL B 16 12.41 3.59 32.49
N ALA B 17 11.17 3.92 32.76
CA ALA B 17 10.93 5.13 33.46
C ALA B 17 11.42 5.06 34.89
N GLY B 18 11.26 3.91 35.53
CA GLY B 18 11.75 3.78 36.88
C GLY B 18 13.25 3.94 36.99
N GLY B 19 13.99 3.39 36.06
CA GLY B 19 15.47 3.54 36.08
C GLY B 19 15.92 4.96 35.78
N TYR B 20 15.25 5.60 34.86
CA TYR B 20 15.58 6.98 34.58
C TYR B 20 15.17 7.85 35.72
N ALA B 21 14.09 7.52 36.43
CA ALA B 21 13.76 8.26 37.60
C ALA B 21 14.88 8.14 38.64
N ALA B 22 15.41 6.95 38.84
CA ALA B 22 16.50 6.76 39.84
C ALA B 22 17.68 7.67 39.51
N ARG B 23 18.09 7.68 38.25
CA ARG B 23 19.19 8.55 37.87
C ARG B 23 18.92 10.03 38.12
N GLU B 24 17.73 10.52 37.83
CA GLU B 24 17.44 11.89 38.14
C GLU B 24 17.39 12.15 39.66
N PHE B 25 16.85 11.22 40.43
CA PHE B 25 16.91 11.36 41.88
C PHE B 25 18.39 11.48 42.34
N ALA B 26 19.28 10.69 41.75
CA ALA B 26 20.72 10.86 42.05
C ALA B 26 21.30 12.23 41.62
N LYS B 27 20.96 12.72 40.42
CA LYS B 27 21.37 14.11 40.03
C LYS B 27 20.86 15.17 40.98
N GLN B 28 19.65 15.00 41.50
CA GLN B 28 19.00 15.98 42.33
C GLN B 28 19.43 15.89 43.80
N GLY B 29 20.24 14.89 44.14
CA GLY B 29 20.88 14.85 45.44
C GLY B 29 20.20 14.03 46.52
N VAL B 30 19.57 12.94 46.13
CA VAL B 30 18.91 12.05 47.07
C VAL B 30 19.93 11.41 48.07
N GLN B 31 19.54 11.34 49.33
CA GLN B 31 20.35 10.69 50.38
C GLN B 31 20.03 9.23 50.56
N PRO B 32 20.99 8.46 51.13
CA PRO B 32 20.79 7.06 51.40
C PRO B 32 19.58 6.76 52.25
N GLY B 33 18.87 5.67 51.95
CA GLY B 33 17.61 5.39 52.67
C GLY B 33 16.41 6.22 52.21
N GLU B 34 16.55 7.21 51.34
CA GLU B 34 15.37 8.03 50.96
C GLU B 34 14.51 7.33 49.88
N LEU B 35 15.15 6.54 49.04
CA LEU B 35 14.49 6.07 47.78
C LEU B 35 14.47 4.56 47.66
N ALA B 36 13.31 4.00 47.31
CA ALA B 36 13.31 2.64 46.83
C ALA B 36 12.69 2.56 45.42
N ILE B 37 13.12 1.57 44.69
CA ILE B 37 12.51 1.23 43.46
C ILE B 37 12.06 -0.20 43.56
N ILE B 38 10.75 -0.44 43.38
CA ILE B 38 10.20 -1.78 43.56
C ILE B 38 9.87 -2.39 42.24
N SER B 39 10.43 -3.55 41.99
CA SER B 39 10.27 -4.18 40.72
C SER B 39 9.86 -5.65 40.81
N ARG B 40 8.94 -6.02 39.95
CA ARG B 40 8.49 -7.37 39.71
C ARG B 40 9.55 -8.25 39.00
N GLU B 41 10.50 -7.64 38.30
CA GLU B 41 11.44 -8.42 37.50
C GLU B 41 12.58 -8.92 38.38
N ALA B 42 13.35 -9.84 37.82
CA ALA B 42 14.53 -10.40 38.48
C ALA B 42 15.82 -9.55 38.28
N VAL B 43 15.79 -8.57 37.38
CA VAL B 43 16.96 -7.74 37.02
C VAL B 43 16.72 -6.20 37.19
N ALA B 44 17.79 -5.43 37.37
CA ALA B 44 17.77 -4.01 37.47
C ALA B 44 17.25 -3.38 36.14
N PRO B 45 16.66 -2.17 36.19
CA PRO B 45 16.03 -1.50 35.00
C PRO B 45 16.88 -1.54 33.75
N TYR B 46 16.23 -1.81 32.63
CA TYR B 46 16.94 -1.98 31.36
C TYR B 46 16.26 -1.29 30.18
N GLU B 47 17.01 -1.12 29.08
CA GLU B 47 16.52 -0.44 27.87
C GLU B 47 15.68 -1.40 27.07
N ARG B 48 14.39 -1.40 27.36
CA ARG B 48 13.49 -2.43 26.87
C ARG B 48 13.46 -2.60 25.35
N PRO B 49 13.70 -1.53 24.58
CA PRO B 49 13.66 -1.69 23.12
C PRO B 49 14.70 -2.67 22.57
N ALA B 50 15.77 -2.98 23.32
CA ALA B 50 16.64 -4.07 22.90
C ALA B 50 15.96 -5.46 22.77
N LEU B 51 14.83 -5.67 23.46
CA LEU B 51 14.28 -7.02 23.54
C LEU B 51 13.75 -7.56 22.21
N SER B 52 13.47 -6.69 21.27
CA SER B 52 13.03 -7.15 19.95
C SER B 52 14.09 -6.94 18.86
N LYS B 53 15.28 -6.51 19.24
CA LYS B 53 16.33 -6.24 18.30
C LYS B 53 17.56 -7.13 18.69
N ALA B 54 18.62 -6.55 19.24
CA ALA B 54 19.88 -7.27 19.48
C ALA B 54 19.78 -8.44 20.42
N TYR B 55 18.75 -8.49 21.25
CA TYR B 55 18.62 -9.57 22.17
C TYR B 55 18.43 -10.90 21.45
N LEU B 56 17.86 -10.85 20.23
CA LEU B 56 17.41 -12.00 19.50
C LEU B 56 18.28 -12.27 18.27
N PHE B 57 19.40 -11.56 18.19
CA PHE B 57 20.34 -11.82 17.08
C PHE B 57 20.82 -13.26 17.22
N PRO B 58 21.07 -13.93 16.09
CA PRO B 58 21.63 -15.29 16.07
C PRO B 58 23.04 -15.42 16.72
N GLN B 59 23.96 -14.48 16.46
CA GLN B 59 25.33 -14.56 17.04
C GLN B 59 25.62 -13.47 18.10
N ASN B 60 26.21 -13.86 19.22
CA ASN B 60 26.52 -12.97 20.33
C ASN B 60 25.41 -11.95 20.58
N PRO B 61 24.23 -12.47 20.97
CA PRO B 61 23.13 -11.57 21.25
C PRO B 61 23.39 -10.72 22.48
N ALA B 62 22.77 -9.55 22.49
CA ALA B 62 22.89 -8.66 23.62
C ALA B 62 22.26 -9.32 24.82
N ARG B 63 22.99 -9.29 25.94
CA ARG B 63 22.49 -9.80 27.22
C ARG B 63 22.80 -8.76 28.31
N LEU B 64 22.04 -8.81 29.40
CA LEU B 64 22.35 -7.96 30.53
C LEU B 64 23.64 -8.50 31.12
N PRO B 65 24.52 -7.63 31.67
CA PRO B 65 24.23 -6.23 31.98
C PRO B 65 24.48 -5.17 30.89
N GLY B 66 24.70 -5.59 29.64
CA GLY B 66 25.08 -4.67 28.58
C GLY B 66 24.12 -3.50 28.39
N PHE B 67 22.81 -3.77 28.46
CA PHE B 67 21.82 -2.76 28.11
C PHE B 67 20.91 -2.37 29.28
N HIS B 68 21.48 -2.42 30.49
CA HIS B 68 20.84 -1.71 31.56
C HIS B 68 20.73 -0.23 31.18
N VAL B 69 19.77 0.45 31.77
CA VAL B 69 19.72 1.85 31.59
C VAL B 69 20.99 2.40 32.23
N CYS B 70 21.45 3.58 31.85
CA CYS B 70 20.87 4.45 30.87
C CYS B 70 21.66 4.54 29.52
N VAL B 71 22.20 3.41 29.05
CA VAL B 71 23.08 3.38 27.89
C VAL B 71 22.34 3.63 26.55
N GLY B 72 21.02 3.53 26.56
CA GLY B 72 20.24 3.78 25.35
C GLY B 72 20.12 5.25 24.95
N SER B 73 20.40 6.17 25.86
CA SER B 73 20.43 7.61 25.58
C SER B 73 21.85 8.17 25.77
N GLY B 74 22.84 7.28 25.74
CA GLY B 74 24.22 7.69 25.81
C GLY B 74 24.59 8.05 27.22
N GLY B 75 23.90 7.48 28.21
CA GLY B 75 24.14 7.81 29.62
C GLY B 75 24.89 6.68 30.32
N GLU B 76 25.29 6.93 31.55
CA GLU B 76 25.95 5.90 32.37
C GLU B 76 25.10 4.59 32.55
N ARG B 77 25.76 3.45 32.60
CA ARG B 77 25.13 2.20 32.90
C ARG B 77 24.90 2.05 34.41
N LEU B 78 23.67 1.75 34.80
CA LEU B 78 23.33 1.63 36.19
C LEU B 78 23.22 0.15 36.53
N LEU B 79 24.34 -0.41 37.00
CA LEU B 79 24.42 -1.79 37.53
C LEU B 79 23.70 -1.85 38.87
N PRO B 80 23.32 -3.05 39.31
CA PRO B 80 22.78 -3.14 40.68
C PRO B 80 23.66 -2.45 41.71
N GLU B 81 24.97 -2.49 41.49
CA GLU B 81 25.90 -1.89 42.42
C GLU B 81 25.71 -0.37 42.53
N TRP B 82 25.24 0.28 41.47
CA TRP B 82 25.11 1.74 41.43
C TRP B 82 24.03 2.18 42.41
N TYR B 83 22.99 1.37 42.53
CA TYR B 83 21.89 1.64 43.43
C TYR B 83 22.37 1.47 44.88
N SER B 84 22.91 0.28 45.17
CA SER B 84 23.25 -0.06 46.54
C SER B 84 24.34 0.87 47.08
N GLU B 85 25.33 1.24 46.25
CA GLU B 85 26.36 2.24 46.63
C GLU B 85 25.83 3.63 46.99
N LYS B 86 24.73 4.06 46.36
CA LYS B 86 24.07 5.30 46.74
C LYS B 86 23.02 5.14 47.82
N GLY B 87 22.85 3.94 48.35
CA GLY B 87 21.79 3.69 49.33
C GLY B 87 20.37 3.90 48.75
N ILE B 88 20.24 3.58 47.46
CA ILE B 88 18.97 3.53 46.79
C ILE B 88 18.69 2.06 46.75
N GLU B 89 17.63 1.64 47.43
CA GLU B 89 17.29 0.22 47.52
C GLU B 89 16.51 -0.29 46.28
N LEU B 90 17.18 -1.10 45.47
CA LEU B 90 16.57 -1.82 44.37
C LEU B 90 15.90 -3.12 44.89
N ILE B 91 14.58 -3.09 45.05
CA ILE B 91 13.81 -4.22 45.56
C ILE B 91 13.18 -5.01 44.40
N LEU B 92 13.82 -6.11 44.07
CA LEU B 92 13.52 -6.92 42.92
C LEU B 92 12.64 -8.12 43.32
N ASN B 93 12.12 -8.84 42.32
CA ASN B 93 11.21 -10.01 42.50
C ASN B 93 10.05 -9.78 43.46
N THR B 94 9.49 -8.59 43.38
CA THR B 94 8.48 -8.14 44.31
C THR B 94 7.38 -7.53 43.49
N GLU B 95 6.22 -8.21 43.48
CA GLU B 95 5.05 -7.71 42.80
C GLU B 95 4.17 -7.01 43.83
N ILE B 96 3.68 -5.82 43.50
CA ILE B 96 2.76 -5.15 44.40
C ILE B 96 1.35 -5.53 43.96
N VAL B 97 0.52 -6.00 44.90
CA VAL B 97 -0.84 -6.48 44.55
C VAL B 97 -1.91 -5.59 45.15
N LYS B 98 -1.53 -4.73 46.10
CA LYS B 98 -2.46 -3.76 46.64
C LYS B 98 -1.77 -2.42 46.84
N ALA B 99 -2.42 -1.36 46.38
CA ALA B 99 -2.01 0.00 46.73
C ALA B 99 -3.17 0.73 47.37
N ASP B 100 -2.94 1.18 48.58
CA ASP B 100 -3.89 2.06 49.24
C ASP B 100 -3.31 3.47 49.35
N LEU B 101 -3.73 4.36 48.46
CA LEU B 101 -3.16 5.69 48.42
C LEU B 101 -3.53 6.56 49.64
N ALA B 102 -4.74 6.36 50.17
CA ALA B 102 -5.14 7.13 51.37
C ALA B 102 -4.19 6.82 52.55
N SER B 103 -3.84 5.56 52.75
CA SER B 103 -2.89 5.19 53.78
C SER B 103 -1.43 5.18 53.35
N LYS B 104 -1.15 5.45 52.07
CA LYS B 104 0.24 5.46 51.55
C LYS B 104 0.97 4.16 51.87
N THR B 105 0.29 3.06 51.54
CA THR B 105 0.73 1.72 51.86
C THR B 105 0.59 0.84 50.62
N LEU B 106 1.64 0.11 50.31
CA LEU B 106 1.67 -0.81 49.19
C LEU B 106 1.82 -2.17 49.83
N THR B 107 1.23 -3.18 49.22
CA THR B 107 1.40 -4.53 49.75
C THR B 107 1.86 -5.46 48.63
N SER B 108 2.94 -6.19 48.87
CA SER B 108 3.42 -7.18 47.89
C SER B 108 2.64 -8.51 47.98
N ALA B 109 2.88 -9.39 47.01
CA ALA B 109 2.30 -10.74 46.96
C ALA B 109 2.65 -11.60 48.18
N ALA B 110 3.92 -11.55 48.58
CA ALA B 110 4.41 -12.25 49.78
C ALA B 110 3.88 -11.68 51.09
N GLY B 111 3.08 -10.60 51.02
CA GLY B 111 2.46 -9.99 52.20
C GLY B 111 3.25 -8.86 52.84
N ALA B 112 4.47 -8.57 52.38
CA ALA B 112 5.22 -7.39 52.93
C ALA B 112 4.56 -6.04 52.55
N THR B 113 4.79 -5.03 53.39
CA THR B 113 4.18 -3.72 53.20
C THR B 113 5.26 -2.65 53.13
N PHE B 114 4.98 -1.62 52.36
CA PHE B 114 5.91 -0.54 52.11
C PHE B 114 5.08 0.68 52.18
N THR B 115 5.53 1.66 52.96
CA THR B 115 4.93 2.94 52.99
C THR B 115 5.88 3.97 52.36
N TYR B 116 5.31 5.11 52.09
CA TYR B 116 6.02 6.14 51.38
C TYR B 116 5.48 7.53 51.70
N GLU B 117 6.23 8.60 51.39
CA GLU B 117 5.63 9.93 51.37
C GLU B 117 5.20 10.29 49.93
N ILE B 118 6.06 9.95 48.95
CA ILE B 118 5.82 10.28 47.55
C ILE B 118 5.87 8.96 46.81
N LEU B 119 4.89 8.76 45.92
CA LEU B 119 4.85 7.60 45.04
C LEU B 119 4.95 8.04 43.56
N LEU B 120 5.83 7.40 42.84
CA LEU B 120 5.94 7.58 41.38
C LEU B 120 5.54 6.25 40.71
N ILE B 121 4.40 6.26 40.05
CA ILE B 121 3.89 5.07 39.40
C ILE B 121 4.50 4.98 38.01
N ALA B 122 5.20 3.89 37.76
CA ALA B 122 5.91 3.60 36.48
C ALA B 122 5.74 2.15 36.07
N THR B 123 4.50 1.68 36.10
CA THR B 123 4.18 0.26 35.97
C THR B 123 4.07 -0.18 34.49
N GLY B 124 4.17 0.72 33.54
CA GLY B 124 4.14 0.30 32.13
C GLY B 124 2.78 -0.21 31.61
N SER B 125 2.85 -1.15 30.67
CA SER B 125 1.75 -1.66 29.90
C SER B 125 1.78 -3.19 30.00
N SER B 126 0.64 -3.78 29.70
CA SER B 126 0.47 -5.22 29.77
C SER B 126 0.08 -5.67 28.37
N VAL B 127 0.35 -6.91 28.03
CA VAL B 127 0.11 -7.39 26.68
C VAL B 127 -1.29 -7.94 26.60
N ILE B 128 -1.99 -7.66 25.51
CA ILE B 128 -3.29 -8.33 25.25
C ILE B 128 -2.99 -9.66 24.59
N LYS B 129 -3.60 -10.72 25.08
CA LYS B 129 -3.26 -12.06 24.62
C LYS B 129 -4.36 -12.59 23.75
N LEU B 130 -3.98 -13.33 22.71
CA LEU B 130 -4.96 -13.89 21.78
C LEU B 130 -5.95 -14.80 22.53
N SER B 131 -5.50 -15.47 23.58
CA SER B 131 -6.37 -16.35 24.38
C SER B 131 -7.48 -15.59 25.10
N ASP B 132 -7.31 -14.28 25.36
CA ASP B 132 -8.35 -13.46 25.97
C ASP B 132 -9.51 -13.06 24.98
N PHE B 133 -9.22 -13.17 23.69
CA PHE B 133 -10.20 -12.96 22.62
C PHE B 133 -11.20 -14.13 22.66
N GLY B 134 -10.72 -15.32 23.11
CA GLY B 134 -11.50 -16.56 23.08
C GLY B 134 -11.23 -17.41 21.86
N THR B 135 -10.12 -17.14 21.19
CA THR B 135 -9.78 -17.74 19.92
C THR B 135 -9.36 -19.21 20.09
N GLN B 136 -9.94 -20.11 19.30
CA GLN B 136 -9.63 -21.56 19.41
C GLN B 136 -8.14 -21.85 19.15
N GLY B 137 -7.55 -22.57 20.09
CA GLY B 137 -6.16 -22.93 20.07
C GLY B 137 -5.19 -21.83 20.45
N ALA B 138 -5.66 -20.65 20.88
CA ALA B 138 -4.71 -19.53 21.04
C ALA B 138 -3.77 -19.70 22.23
N ASP B 139 -4.08 -20.68 23.09
CA ASP B 139 -3.28 -21.04 24.23
C ASP B 139 -2.20 -22.13 23.91
N SER B 140 -2.15 -22.64 22.69
CA SER B 140 -1.19 -23.71 22.36
C SER B 140 0.26 -23.28 22.70
N ASN B 141 1.16 -24.21 22.99
CA ASN B 141 2.58 -23.84 23.28
C ASN B 141 3.22 -23.32 22.00
N ASN B 142 4.25 -22.49 22.14
CA ASN B 142 4.92 -21.79 21.03
C ASN B 142 4.06 -20.69 20.41
N ILE B 143 2.98 -20.31 21.12
CA ILE B 143 2.35 -19.04 20.87
C ILE B 143 2.88 -18.11 21.95
N LEU B 144 3.68 -17.13 21.55
CA LEU B 144 4.51 -16.33 22.48
C LEU B 144 4.40 -14.84 22.31
N TYR B 145 4.64 -14.16 23.43
CA TYR B 145 4.55 -12.70 23.50
C TYR B 145 5.88 -12.12 23.97
N LEU B 146 6.06 -10.83 23.79
CA LEU B 146 7.35 -10.25 24.08
C LEU B 146 7.13 -8.93 24.71
N ARG B 147 7.48 -8.82 25.96
CA ARG B 147 7.43 -7.53 26.64
C ARG B 147 8.58 -7.30 27.61
N GLU B 148 9.02 -8.35 28.25
CA GLU B 148 10.01 -8.27 29.29
C GLU B 148 11.08 -9.32 29.02
N VAL B 149 12.23 -9.12 29.63
CA VAL B 149 13.40 -9.93 29.31
C VAL B 149 13.16 -11.42 29.59
N ASP B 150 12.30 -11.77 30.53
CA ASP B 150 11.98 -13.19 30.71
C ASP B 150 11.28 -13.76 29.46
N ASP B 151 10.34 -13.02 28.88
CA ASP B 151 9.69 -13.44 27.63
C ASP B 151 10.76 -13.48 26.55
N ALA B 152 11.74 -12.61 26.63
CA ALA B 152 12.79 -12.58 25.61
C ALA B 152 13.54 -13.91 25.59
N ASP B 153 13.79 -14.45 26.78
CA ASP B 153 14.47 -15.73 26.95
C ASP B 153 13.66 -16.93 26.43
N LYS B 154 12.43 -17.14 26.86
CA LYS B 154 11.61 -18.20 26.28
C LYS B 154 11.57 -18.07 24.73
N LEU B 155 11.40 -16.85 24.24
CA LEU B 155 11.34 -16.64 22.81
C LEU B 155 12.62 -17.07 22.14
N TYR B 156 13.76 -16.66 22.68
CA TYR B 156 15.02 -17.04 22.07
C TYR B 156 15.15 -18.56 22.03
N ALA B 157 14.87 -19.19 23.17
CA ALA B 157 14.93 -20.64 23.28
C ALA B 157 14.03 -21.35 22.23
N ALA B 158 12.89 -20.76 21.88
CA ALA B 158 12.01 -21.38 20.87
C ALA B 158 12.55 -21.19 19.45
N ILE B 159 13.15 -20.04 19.16
CA ILE B 159 13.83 -19.82 17.88
C ILE B 159 14.94 -20.86 17.67
N GLN B 160 15.69 -21.14 18.74
CA GLN B 160 16.79 -22.15 18.69
C GLN B 160 16.19 -23.53 18.41
N ALA B 161 15.23 -23.97 19.23
CA ALA B 161 14.60 -25.31 19.11
C ALA B 161 13.73 -25.53 17.84
N LYS B 162 13.45 -24.47 17.11
CA LYS B 162 12.73 -24.59 15.86
C LYS B 162 13.56 -24.17 14.67
N LYS B 163 14.90 -24.24 14.73
CA LYS B 163 15.73 -23.65 13.66
C LYS B 163 15.37 -24.17 12.27
N GLY B 164 15.40 -23.26 11.30
CA GLY B 164 14.95 -23.54 9.96
C GLY B 164 13.46 -23.84 9.81
N GLY B 165 12.65 -23.55 10.85
CA GLY B 165 11.20 -23.82 10.85
C GLY B 165 10.35 -22.66 10.34
N LYS B 166 9.05 -22.69 10.63
CA LYS B 166 8.13 -21.64 10.12
C LYS B 166 7.64 -20.79 11.27
N ALA B 167 7.72 -19.47 11.10
CA ALA B 167 7.23 -18.51 12.06
C ALA B 167 6.14 -17.66 11.47
N VAL B 168 5.05 -17.50 12.20
CA VAL B 168 4.02 -16.54 11.84
C VAL B 168 4.05 -15.51 12.97
N VAL B 169 4.13 -14.25 12.56
CA VAL B 169 4.05 -13.13 13.43
C VAL B 169 2.72 -12.46 13.24
N VAL B 170 1.99 -12.33 14.32
CA VAL B 170 0.70 -11.71 14.29
C VAL B 170 0.81 -10.26 14.82
N GLY B 171 0.46 -9.30 13.96
CA GLY B 171 0.43 -7.87 14.29
C GLY B 171 1.34 -7.11 13.33
N GLY B 172 0.97 -5.87 13.02
CA GLY B 172 1.67 -5.11 12.00
C GLY B 172 2.14 -3.77 12.48
N GLY B 173 2.23 -3.60 13.79
CA GLY B 173 2.83 -2.45 14.42
C GLY B 173 4.31 -2.71 14.60
N TYR B 174 4.99 -1.81 15.31
CA TYR B 174 6.47 -1.81 15.39
C TYR B 174 7.05 -3.11 15.87
N ILE B 175 6.38 -3.74 16.83
CA ILE B 175 6.86 -5.01 17.39
C ILE B 175 6.79 -6.09 16.31
N GLY B 176 5.60 -6.25 15.70
CA GLY B 176 5.46 -6.94 14.43
C GLY B 176 6.60 -6.83 13.43
N LEU B 177 6.94 -5.63 13.02
CA LEU B 177 7.94 -5.41 11.99
C LEU B 177 9.33 -5.75 12.47
N GLU B 178 9.66 -5.34 13.68
CA GLU B 178 10.98 -5.68 14.24
C GLU B 178 11.18 -7.16 14.41
N LEU B 179 10.12 -7.87 14.79
CA LEU B 179 10.26 -9.31 15.08
C LEU B 179 10.36 -10.17 13.83
N SER B 180 9.52 -9.90 12.84
CA SER B 180 9.62 -10.58 11.54
C SER B 180 11.05 -10.49 11.02
N ALA B 181 11.59 -9.29 11.02
CA ALA B 181 12.92 -9.06 10.52
C ALA B 181 13.96 -9.86 11.32
N VAL B 182 13.92 -9.81 12.64
CA VAL B 182 14.96 -10.48 13.38
C VAL B 182 14.77 -12.02 13.32
N LEU B 183 13.53 -12.48 13.19
CA LEU B 183 13.24 -13.91 13.01
C LEU B 183 13.74 -14.38 11.64
N LYS B 184 13.69 -13.51 10.64
CA LYS B 184 14.22 -13.86 9.33
C LYS B 184 15.73 -13.93 9.35
N MET B 185 16.35 -13.06 10.12
CA MET B 185 17.78 -13.07 10.29
C MET B 185 18.23 -14.32 11.03
N ASN B 186 17.33 -14.95 11.80
CA ASN B 186 17.65 -16.25 12.43
C ASN B 186 17.35 -17.40 11.47
N ASN B 187 17.02 -17.05 10.22
CA ASN B 187 16.78 -17.99 9.14
C ASN B 187 15.59 -18.90 9.39
N LEU B 188 14.49 -18.27 9.82
CA LEU B 188 13.19 -18.90 9.85
C LEU B 188 12.42 -18.42 8.64
N ASP B 189 11.44 -19.23 8.27
CA ASP B 189 10.50 -18.91 7.21
C ASP B 189 9.38 -18.09 7.86
N VAL B 190 9.30 -16.82 7.51
CA VAL B 190 8.51 -15.87 8.20
C VAL B 190 7.39 -15.32 7.36
N THR B 191 6.17 -15.39 7.92
CA THR B 191 5.01 -14.72 7.40
C THR B 191 4.38 -13.80 8.44
N MET B 192 4.09 -12.58 8.05
CA MET B 192 3.48 -11.59 8.93
C MET B 192 2.02 -11.34 8.57
N VAL B 193 1.13 -11.30 9.56
CA VAL B 193 -0.31 -11.20 9.34
C VAL B 193 -0.89 -10.05 10.16
N PHE B 194 -1.79 -9.27 9.58
CA PHE B 194 -2.46 -8.23 10.35
C PHE B 194 -3.71 -7.70 9.70
N PRO B 195 -4.61 -7.11 10.50
CA PRO B 195 -5.92 -6.75 9.96
C PRO B 195 -5.96 -5.42 9.27
N GLU B 196 -4.93 -4.61 9.44
CA GLU B 196 -5.03 -3.28 8.91
C GLU B 196 -4.70 -3.30 7.41
N PRO B 197 -5.06 -2.26 6.67
CA PRO B 197 -4.76 -2.32 5.21
C PRO B 197 -3.28 -2.06 4.82
N TRP B 198 -2.47 -1.57 5.78
CA TRP B 198 -1.00 -1.51 5.64
C TRP B 198 -0.32 -1.42 7.03
N CYS B 199 1.00 -1.71 7.05
CA CYS B 199 1.77 -1.82 8.31
C CYS B 199 1.97 -0.45 8.98
N MET B 200 2.28 -0.51 10.29
CA MET B 200 2.37 0.69 11.15
C MET B 200 1.20 1.65 10.89
N PRO B 201 -0.03 1.18 11.05
CA PRO B 201 -1.17 1.98 10.59
C PRO B 201 -1.40 3.30 11.30
N ARG B 202 -0.99 3.40 12.56
CA ARG B 202 -1.25 4.59 13.34
C ARG B 202 -0.20 5.62 13.05
N LEU B 203 0.70 5.33 12.11
CA LEU B 203 1.77 6.25 11.82
C LEU B 203 2.06 6.36 10.33
N PHE B 204 2.43 5.23 9.70
CA PHE B 204 2.75 5.24 8.26
C PHE B 204 1.52 5.61 7.39
N THR B 205 1.80 6.28 6.31
CA THR B 205 0.87 6.42 5.21
C THR B 205 0.97 5.18 4.36
N ALA B 206 0.05 5.05 3.41
CA ALA B 206 0.05 3.83 2.55
C ALA B 206 1.33 3.78 1.69
N GLU B 207 1.76 4.94 1.21
CA GLU B 207 3.01 5.02 0.45
C GLU B 207 4.26 4.69 1.30
N ILE B 208 4.38 5.25 2.50
CA ILE B 208 5.51 4.88 3.38
C ILE B 208 5.49 3.39 3.56
N ALA B 209 4.32 2.88 3.94
CA ALA B 209 4.19 1.48 4.25
C ALA B 209 4.46 0.53 3.07
N ALA B 210 4.17 0.97 1.85
CA ALA B 210 4.43 0.12 0.68
C ALA B 210 5.95 -0.01 0.45
N PHE B 211 6.71 1.02 0.79
CA PHE B 211 8.15 0.89 0.76
C PHE B 211 8.62 -0.21 1.72
N TYR B 212 8.10 -0.22 2.95
CA TYR B 212 8.53 -1.26 3.89
C TYR B 212 8.03 -2.64 3.51
N GLU B 213 6.79 -2.72 3.06
CA GLU B 213 6.24 -4.00 2.66
C GLU B 213 7.08 -4.61 1.51
N SER B 214 7.47 -3.81 0.53
CA SER B 214 8.26 -4.34 -0.56
C SER B 214 9.63 -4.70 -0.12
N TYR B 215 10.20 -3.90 0.76
CA TYR B 215 11.49 -4.21 1.29
C TYR B 215 11.47 -5.54 2.04
N TYR B 216 10.51 -5.73 2.91
CA TYR B 216 10.42 -6.97 3.66
C TYR B 216 10.20 -8.19 2.77
N THR B 217 9.31 -8.09 1.80
CA THR B 217 9.10 -9.24 0.92
C THR B 217 10.40 -9.58 0.18
N ASN B 218 11.03 -8.59 -0.43
CA ASN B 218 12.38 -8.76 -0.95
C ASN B 218 13.30 -9.63 -0.09
N LYS B 219 13.25 -9.45 1.23
CA LYS B 219 14.16 -10.17 2.11
C LYS B 219 13.61 -11.51 2.51
N GLY B 220 12.52 -11.95 1.87
CA GLY B 220 11.96 -13.24 2.14
C GLY B 220 10.80 -13.28 3.11
N VAL B 221 10.36 -12.15 3.65
CA VAL B 221 9.25 -12.19 4.58
C VAL B 221 7.93 -12.00 3.81
N LYS B 222 7.00 -12.94 3.96
CA LYS B 222 5.71 -12.81 3.31
C LYS B 222 4.79 -11.98 4.17
N ILE B 223 3.84 -11.30 3.55
CA ILE B 223 2.95 -10.40 4.24
C ILE B 223 1.51 -10.67 3.85
N VAL B 224 0.67 -11.07 4.82
CA VAL B 224 -0.78 -11.20 4.62
C VAL B 224 -1.54 -10.09 5.36
N LYS B 225 -2.26 -9.28 4.60
CA LYS B 225 -2.96 -8.10 5.15
C LYS B 225 -4.47 -8.23 5.13
N GLY B 226 -5.13 -7.42 5.95
CA GLY B 226 -6.61 -7.35 5.96
C GLY B 226 -7.35 -8.52 6.60
N THR B 227 -6.64 -9.31 7.40
CA THR B 227 -7.28 -10.42 8.05
C THR B 227 -6.77 -10.63 9.49
N VAL B 228 -7.44 -11.50 10.26
CA VAL B 228 -7.03 -11.86 11.62
C VAL B 228 -6.91 -13.37 11.74
N ALA B 229 -6.13 -13.83 12.72
CA ALA B 229 -6.15 -15.24 13.07
C ALA B 229 -7.51 -15.55 13.70
N VAL B 230 -8.18 -16.57 13.22
CA VAL B 230 -9.45 -17.03 13.80
C VAL B 230 -9.32 -18.33 14.54
N GLY B 231 -8.23 -19.05 14.27
CA GLY B 231 -7.91 -20.26 15.01
C GLY B 231 -6.47 -20.69 14.83
N PHE B 232 -6.05 -21.61 15.67
CA PHE B 232 -4.73 -22.23 15.59
C PHE B 232 -4.91 -23.73 15.71
N ASP B 233 -4.34 -24.50 14.80
CA ASP B 233 -4.37 -25.92 15.06
C ASP B 233 -3.08 -26.32 15.81
N ALA B 234 -3.20 -27.39 16.57
CA ALA B 234 -2.16 -27.86 17.46
C ALA B 234 -2.15 -29.40 17.55
N ASP B 235 -0.95 -29.95 17.72
CA ASP B 235 -0.75 -31.40 17.86
C ASP B 235 -1.20 -31.92 19.21
N ALA B 236 -1.04 -33.22 19.44
CA ALA B 236 -1.64 -33.82 20.63
C ALA B 236 -0.90 -33.41 21.92
N ASN B 237 0.30 -32.84 21.81
CA ASN B 237 0.97 -32.29 23.00
C ASN B 237 0.74 -30.79 23.22
N GLY B 238 -0.25 -30.24 22.50
CA GLY B 238 -0.62 -28.85 22.65
C GLY B 238 0.37 -27.86 22.05
N ASP B 239 1.26 -28.35 21.17
CA ASP B 239 2.20 -27.51 20.38
C ASP B 239 1.48 -27.00 19.13
N VAL B 240 1.72 -25.74 18.78
CA VAL B 240 1.04 -25.13 17.67
C VAL B 240 1.62 -25.72 16.38
N THR B 241 0.76 -25.95 15.40
CA THR B 241 1.18 -26.39 14.05
C THR B 241 0.70 -25.50 12.93
N ALA B 242 -0.33 -24.70 13.16
CA ALA B 242 -0.78 -23.85 12.09
C ALA B 242 -1.72 -22.75 12.52
N VAL B 243 -1.76 -21.72 11.69
CA VAL B 243 -2.58 -20.55 11.92
C VAL B 243 -3.69 -20.46 10.88
N LYS B 244 -4.91 -20.28 11.35
CA LYS B 244 -6.02 -20.19 10.42
C LYS B 244 -6.49 -18.74 10.33
N LEU B 245 -6.64 -18.23 9.11
CA LEU B 245 -6.98 -16.83 8.94
C LEU B 245 -8.45 -16.62 8.53
N LYS B 246 -9.05 -15.48 8.88
CA LYS B 246 -10.45 -15.14 8.53
C LYS B 246 -10.75 -15.21 7.03
N ASP B 247 -9.80 -14.73 6.21
CA ASP B 247 -9.88 -14.81 4.76
C ASP B 247 -9.65 -16.23 4.22
N GLY B 248 -9.45 -17.22 5.09
CA GLY B 248 -9.39 -18.62 4.66
C GLY B 248 -7.99 -19.22 4.55
N SER B 249 -6.96 -18.38 4.40
CA SER B 249 -5.58 -18.92 4.26
C SER B 249 -5.16 -19.71 5.51
N VAL B 250 -4.54 -20.87 5.33
CA VAL B 250 -3.88 -21.60 6.44
C VAL B 250 -2.37 -21.42 6.29
N LEU B 251 -1.69 -21.02 7.36
CA LEU B 251 -0.24 -20.81 7.33
C LEU B 251 0.39 -21.78 8.28
N GLU B 252 1.46 -22.41 7.85
CA GLU B 252 2.01 -23.52 8.60
C GLU B 252 2.95 -22.92 9.63
N ALA B 253 2.81 -23.26 10.91
CA ALA B 253 3.71 -22.67 11.91
C ALA B 253 4.20 -23.58 13.04
N ASP B 254 5.50 -23.44 13.29
CA ASP B 254 6.15 -24.02 14.45
C ASP B 254 6.16 -22.97 15.59
N ILE B 255 6.29 -21.71 15.27
CA ILE B 255 6.32 -20.69 16.29
C ILE B 255 5.41 -19.56 15.81
N VAL B 256 4.55 -19.08 16.72
CA VAL B 256 3.82 -17.83 16.53
C VAL B 256 4.26 -16.80 17.60
N VAL B 257 4.54 -15.58 17.15
CA VAL B 257 4.98 -14.49 18.02
C VAL B 257 3.92 -13.38 17.81
N VAL B 258 3.30 -12.92 18.89
CA VAL B 258 2.18 -12.02 18.79
C VAL B 258 2.68 -10.66 19.27
N GLY B 259 2.22 -9.62 18.57
CA GLY B 259 2.28 -8.21 19.03
C GLY B 259 1.01 -7.45 18.64
N VAL B 260 -0.09 -7.67 19.37
CA VAL B 260 -1.40 -7.02 19.08
C VAL B 260 -1.69 -5.92 20.12
N GLY B 261 -0.64 -5.28 20.62
CA GLY B 261 -0.82 -4.10 21.48
C GLY B 261 -0.75 -4.40 22.96
N GLY B 262 -0.56 -3.33 23.75
CA GLY B 262 -0.68 -3.41 25.20
C GLY B 262 -1.58 -2.30 25.75
N ARG B 263 -2.04 -2.49 27.00
CA ARG B 263 -2.82 -1.48 27.71
C ARG B 263 -2.05 -1.00 28.95
N PRO B 264 -2.14 0.31 29.25
CA PRO B 264 -1.52 0.79 30.48
C PRO B 264 -1.93 -0.05 31.67
N LEU B 265 -0.94 -0.44 32.46
CA LEU B 265 -1.12 -1.24 33.68
C LEU B 265 -1.49 -0.37 34.90
N THR B 266 -2.77 -0.05 34.99
CA THR B 266 -3.23 0.85 36.00
C THR B 266 -4.14 0.15 37.02
N THR B 267 -4.31 -1.17 37.01
CA THR B 267 -5.32 -1.88 37.86
C THR B 267 -5.31 -1.52 39.34
N LEU B 268 -4.09 -1.34 39.88
CA LEU B 268 -3.88 -1.11 41.31
C LEU B 268 -4.54 0.16 41.83
N PHE B 269 -4.80 1.10 40.93
CA PHE B 269 -5.17 2.46 41.31
C PHE B 269 -6.59 2.81 40.89
N LYS B 270 -7.30 1.92 40.19
CA LYS B 270 -8.60 2.26 39.61
C LYS B 270 -9.57 2.55 40.74
N GLY B 271 -10.25 3.68 40.60
CA GLY B 271 -11.08 4.27 41.66
C GLY B 271 -10.35 5.21 42.62
N GLN B 272 -9.00 5.23 42.59
CA GLN B 272 -8.24 6.08 43.53
C GLN B 272 -7.65 7.35 42.90
N VAL B 273 -7.52 7.37 41.58
CA VAL B 273 -6.93 8.52 40.89
C VAL B 273 -7.78 8.73 39.67
N ALA B 274 -7.85 9.94 39.15
CA ALA B 274 -8.56 10.18 37.91
C ALA B 274 -7.83 9.56 36.72
N GLU B 275 -8.61 9.00 35.82
CA GLU B 275 -8.15 8.36 34.60
C GLU B 275 -8.78 8.98 33.35
N GLU B 276 -8.05 8.92 32.24
CA GLU B 276 -8.46 9.47 30.99
C GLU B 276 -7.72 8.75 29.84
N LYS B 277 -8.42 8.50 28.75
CA LYS B 277 -7.82 7.85 27.60
C LYS B 277 -7.06 6.57 27.96
N GLY B 278 -7.52 5.83 28.97
CA GLY B 278 -6.88 4.55 29.27
C GLY B 278 -5.68 4.66 30.20
N GLY B 279 -5.19 5.88 30.47
CA GLY B 279 -4.08 6.06 31.40
C GLY B 279 -4.47 6.74 32.70
N ILE B 280 -3.47 7.04 33.54
CA ILE B 280 -3.66 7.90 34.71
C ILE B 280 -3.44 9.34 34.31
N LYS B 281 -4.38 10.20 34.66
CA LYS B 281 -4.35 11.61 34.27
C LYS B 281 -3.37 12.41 35.14
N THR B 282 -2.59 13.28 34.49
CA THR B 282 -1.67 14.08 35.19
C THR B 282 -1.63 15.45 34.61
N ASP B 283 -1.19 16.37 35.46
CA ASP B 283 -0.87 17.72 35.04
C ASP B 283 0.53 17.64 34.33
N ALA B 284 1.12 18.80 34.11
CA ALA B 284 2.33 19.00 33.34
C ALA B 284 3.65 18.71 34.14
N SER B 285 3.51 18.41 35.43
CA SER B 285 4.52 17.86 36.26
C SER B 285 4.33 16.40 36.52
N PHE B 286 3.33 15.79 35.90
CA PHE B 286 3.06 14.34 36.08
C PHE B 286 2.51 13.95 37.46
N GLU B 287 2.07 14.94 38.22
CA GLU B 287 1.33 14.65 39.45
C GLU B 287 -0.12 14.23 39.08
N THR B 288 -0.61 13.20 39.75
CA THR B 288 -1.96 12.72 39.55
C THR B 288 -2.99 13.53 40.34
N SER B 289 -4.22 13.05 40.40
CA SER B 289 -5.27 13.74 41.18
C SER B 289 -5.06 13.60 42.70
N VAL B 290 -4.21 12.67 43.13
CA VAL B 290 -3.84 12.53 44.52
C VAL B 290 -2.46 13.15 44.83
N PRO B 291 -2.41 14.19 45.70
CA PRO B 291 -1.17 14.92 46.02
C PRO B 291 0.02 13.99 46.44
N GLY B 292 1.21 14.21 45.87
CA GLY B 292 2.40 13.35 46.12
C GLY B 292 2.41 11.99 45.38
N VAL B 293 1.47 11.76 44.47
CA VAL B 293 1.47 10.54 43.67
C VAL B 293 1.56 11.00 42.23
N TYR B 294 2.60 10.52 41.53
CA TYR B 294 2.90 10.88 40.15
C TYR B 294 2.76 9.63 39.29
N ALA B 295 2.60 9.78 37.97
CA ALA B 295 2.50 8.63 37.08
C ALA B 295 3.21 9.06 35.85
N VAL B 296 4.12 8.21 35.38
CA VAL B 296 4.97 8.54 34.24
C VAL B 296 5.00 7.39 33.21
N GLY B 297 5.66 7.66 32.11
CA GLY B 297 5.85 6.65 31.06
C GLY B 297 4.58 6.28 30.35
N ASP B 298 4.43 4.99 30.09
CA ASP B 298 3.28 4.51 29.33
C ASP B 298 1.94 4.80 30.02
N VAL B 299 1.87 4.67 31.36
CA VAL B 299 0.60 4.80 32.06
C VAL B 299 0.04 6.18 32.10
N ALA B 300 0.78 7.19 31.69
CA ALA B 300 0.38 8.55 32.09
C ALA B 300 -0.33 9.22 30.94
N THR B 301 -1.37 10.00 31.23
CA THR B 301 -2.09 10.77 30.23
C THR B 301 -1.91 12.24 30.59
N PHE B 302 -1.24 12.99 29.74
CA PHE B 302 -0.65 14.19 30.19
C PHE B 302 -0.86 15.31 29.18
N PRO B 303 -0.60 16.56 29.58
CA PRO B 303 -0.81 17.71 28.67
C PRO B 303 0.33 17.85 27.70
N MET B 304 0.02 17.84 26.42
CA MET B 304 0.99 17.82 25.36
C MET B 304 1.14 19.26 24.95
N LYS B 305 2.12 19.95 25.49
CA LYS B 305 2.07 21.39 25.45
C LYS B 305 1.98 21.92 24.03
N ILE B 306 2.78 21.35 23.15
CA ILE B 306 2.93 21.84 21.77
C ILE B 306 1.64 21.75 20.93
N TYR B 307 0.82 20.73 21.13
CA TYR B 307 -0.48 20.62 20.46
C TYR B 307 -1.65 21.09 21.35
N ASN B 308 -1.30 21.78 22.43
CA ASN B 308 -2.25 22.42 23.31
C ASN B 308 -3.43 21.50 23.62
N ASP B 309 -3.14 20.24 23.96
CA ASP B 309 -4.14 19.20 24.18
C ASP B 309 -3.67 18.06 25.15
N VAL B 310 -4.42 16.96 25.24
CA VAL B 310 -4.18 15.91 26.23
C VAL B 310 -3.97 14.57 25.56
N ARG B 311 -2.84 13.90 25.85
CA ARG B 311 -2.53 12.60 25.23
C ARG B 311 -1.78 11.57 26.12
N ARG B 312 -1.81 10.33 25.67
CA ARG B 312 -1.01 9.26 26.21
C ARG B 312 -0.12 8.75 25.07
N VAL B 313 1.10 8.33 25.37
CA VAL B 313 1.99 7.78 24.33
C VAL B 313 2.74 6.54 24.86
N GLU B 314 3.24 5.73 23.92
CA GLU B 314 4.07 4.58 24.20
C GLU B 314 5.44 4.83 23.49
N HIS B 315 6.21 5.76 24.00
CA HIS B 315 7.51 6.07 23.35
C HIS B 315 8.58 5.95 24.41
N VAL B 316 9.71 5.36 24.06
CA VAL B 316 10.74 5.18 25.02
C VAL B 316 11.37 6.50 25.37
N ASP B 317 11.46 7.42 24.43
CA ASP B 317 11.95 8.77 24.68
C ASP B 317 11.09 9.55 25.74
N HIS B 318 9.77 9.45 25.64
CA HIS B 318 8.85 9.99 26.64
C HIS B 318 9.01 9.31 27.97
N SER B 319 9.18 8.00 27.99
CA SER B 319 9.37 7.34 29.26
C SER B 319 10.60 7.83 30.00
N ARG B 320 11.68 8.09 29.25
CA ARG B 320 12.83 8.67 29.85
C ARG B 320 12.55 10.03 30.37
N LYS B 321 12.03 10.89 29.49
CA LYS B 321 11.90 12.30 29.79
C LYS B 321 10.82 12.60 30.83
N SER B 322 9.74 11.86 30.78
CA SER B 322 8.68 12.07 31.78
C SER B 322 9.14 11.69 33.20
N ALA B 323 9.99 10.67 33.33
CA ALA B 323 10.52 10.23 34.65
C ALA B 323 11.36 11.34 35.25
N GLU B 324 12.14 12.02 34.40
CA GLU B 324 12.97 13.12 34.79
C GLU B 324 12.11 14.35 35.18
N GLN B 325 11.15 14.70 34.36
CA GLN B 325 10.21 15.78 34.73
C GLN B 325 9.58 15.47 36.10
N ALA B 326 9.01 14.29 36.29
CA ALA B 326 8.34 14.04 37.57
C ALA B 326 9.30 14.28 38.69
N VAL B 327 10.55 13.82 38.55
CA VAL B 327 11.51 13.97 39.62
C VAL B 327 11.84 15.44 39.86
N LYS B 328 12.11 16.18 38.82
CA LYS B 328 12.32 17.62 39.02
C LYS B 328 11.12 18.25 39.72
N ALA B 329 9.91 17.93 39.27
CA ALA B 329 8.71 18.46 39.96
C ALA B 329 8.67 18.07 41.44
N ILE B 330 9.00 16.80 41.79
CA ILE B 330 9.00 16.36 43.18
C ILE B 330 10.00 17.19 44.02
N LYS B 331 11.24 17.31 43.56
CA LYS B 331 12.20 18.12 44.28
C LYS B 331 11.85 19.61 44.26
N GLY B 332 11.30 20.09 43.15
CA GLY B 332 10.84 21.47 43.01
C GLY B 332 9.78 21.81 44.05
N LYS B 333 8.83 20.93 44.28
CA LYS B 333 7.83 21.13 45.36
C LYS B 333 8.42 21.19 46.81
N GLU B 334 9.51 20.50 47.10
CA GLU B 334 10.10 20.61 48.45
C GLU B 334 10.79 21.97 48.63
N SER B 335 11.32 22.56 47.56
CA SER B 335 11.91 23.89 47.67
C SER B 335 10.82 24.96 47.50
N GLY B 336 10.05 24.79 46.43
CA GLY B 336 9.30 25.87 45.83
C GLY B 336 10.28 26.57 44.90
N GLU B 337 10.38 26.08 43.69
CA GLU B 337 11.11 26.75 42.64
C GLU B 337 10.36 26.41 41.37
N ALA B 338 10.38 27.31 40.39
CA ALA B 338 9.53 27.15 39.21
C ALA B 338 9.92 25.82 38.59
N VAL B 339 8.94 24.94 38.38
CA VAL B 339 9.16 23.85 37.45
C VAL B 339 8.36 24.00 36.15
N PRO B 340 9.08 24.32 35.08
CA PRO B 340 8.48 24.48 33.79
C PRO B 340 7.66 23.28 33.34
N GLU B 341 6.61 23.56 32.57
CA GLU B 341 5.70 22.57 32.04
C GLU B 341 6.41 21.59 31.06
N TYR B 342 6.13 20.29 31.24
CA TYR B 342 6.59 19.27 30.28
C TYR B 342 6.32 19.72 28.86
N ASP B 343 7.37 19.76 28.08
CA ASP B 343 7.30 20.23 26.71
C ASP B 343 7.89 19.17 25.77
N TYR B 344 7.11 18.15 25.49
CA TYR B 344 7.63 17.02 24.73
C TYR B 344 7.30 17.10 23.26
N LEU B 345 8.26 16.76 22.44
CA LEU B 345 8.03 16.57 21.04
C LEU B 345 7.95 15.09 20.74
N PRO B 346 6.77 14.58 20.32
CA PRO B 346 6.72 13.16 20.02
C PRO B 346 7.82 12.74 19.05
N TYR B 347 8.45 11.62 19.37
CA TYR B 347 9.59 11.08 18.67
C TYR B 347 9.47 9.55 18.83
N PHE B 348 9.32 8.87 17.70
CA PHE B 348 9.31 7.46 17.61
C PHE B 348 10.31 7.06 16.51
N TYR B 349 10.76 5.82 16.61
CA TYR B 349 11.81 5.32 15.74
C TYR B 349 11.75 3.83 15.73
N SER B 350 12.37 3.29 14.68
CA SER B 350 12.61 1.85 14.55
C SER B 350 13.78 1.53 13.64
N ARG B 351 14.40 0.40 13.93
CA ARG B 351 15.45 -0.16 13.13
C ARG B 351 15.13 -1.64 12.92
N SER B 352 15.42 -2.11 11.71
CA SER B 352 15.17 -3.49 11.32
C SER B 352 15.97 -3.75 10.03
N PHE B 353 16.47 -4.96 9.87
CA PHE B 353 17.40 -5.25 8.79
C PHE B 353 18.37 -4.10 8.89
N ASP B 354 18.71 -3.52 7.76
CA ASP B 354 19.66 -2.40 7.72
C ASP B 354 18.97 -1.05 7.56
N LEU B 355 17.67 -1.01 7.82
CA LEU B 355 16.87 0.22 7.70
C LEU B 355 16.80 0.91 9.04
N SER B 356 16.73 2.24 9.00
CA SER B 356 16.59 3.09 10.18
C SER B 356 15.75 4.32 9.87
N TRP B 357 14.67 4.50 10.63
CA TRP B 357 13.81 5.70 10.42
C TRP B 357 13.47 6.38 11.71
N GLN B 358 13.14 7.66 11.58
CA GLN B 358 12.73 8.49 12.67
C GLN B 358 11.52 9.31 12.27
N PHE B 359 10.61 9.48 13.25
CA PHE B 359 9.45 10.31 13.13
C PHE B 359 9.44 11.33 14.29
N TYR B 360 9.25 12.61 13.95
CA TYR B 360 8.97 13.70 14.89
C TYR B 360 7.64 14.40 14.58
N GLY B 361 6.94 14.76 15.65
CA GLY B 361 5.80 15.69 15.54
C GLY B 361 4.52 14.92 15.53
N ASP B 362 3.53 15.38 14.78
CA ASP B 362 2.28 14.68 14.67
C ASP B 362 1.87 14.42 13.20
N ASN B 363 1.28 13.27 12.98
CA ASN B 363 0.94 12.79 11.66
C ASN B 363 -0.54 13.07 11.42
N VAL B 364 -0.86 14.34 11.26
CA VAL B 364 -2.22 14.78 10.96
C VAL B 364 -2.06 15.68 9.76
N GLY B 365 -3.15 15.80 9.01
CA GLY B 365 -3.19 16.62 7.78
C GLY B 365 -2.85 15.79 6.57
N GLU B 366 -2.12 16.36 5.61
CA GLU B 366 -1.78 15.66 4.37
C GLU B 366 -0.30 15.42 4.33
N ALA B 367 0.03 14.16 4.10
CA ALA B 367 1.38 13.70 3.94
C ALA B 367 1.86 13.95 2.50
N VAL B 368 3.11 14.36 2.40
CA VAL B 368 3.77 14.62 1.16
C VAL B 368 5.09 13.88 1.27
N LEU B 369 5.34 12.95 0.36
CA LEU B 369 6.54 12.13 0.36
C LEU B 369 7.60 12.74 -0.55
N PHE B 370 8.85 12.80 -0.07
CA PHE B 370 9.96 13.30 -0.86
C PHE B 370 11.16 12.36 -0.80
N GLY B 371 12.06 12.50 -1.78
CA GLY B 371 13.26 11.69 -1.90
C GLY B 371 13.03 10.43 -2.72
N ASP B 372 13.91 9.45 -2.51
CA ASP B 372 14.03 8.19 -3.28
C ASP B 372 13.37 6.99 -2.56
N SER B 373 12.06 6.81 -2.78
CA SER B 373 11.32 5.69 -2.19
C SER B 373 11.43 4.35 -2.98
N ASP B 374 12.47 4.12 -3.77
CA ASP B 374 12.64 2.80 -4.42
C ASP B 374 13.26 1.80 -3.43
N PRO B 375 12.55 0.70 -3.11
CA PRO B 375 13.13 -0.34 -2.22
C PRO B 375 14.37 -1.02 -2.75
N ALA B 376 14.60 -0.94 -4.07
CA ALA B 376 15.76 -1.56 -4.69
C ALA B 376 17.01 -0.63 -4.71
N SER B 377 16.83 0.66 -4.43
CA SER B 377 17.96 1.57 -4.52
C SER B 377 19.07 1.19 -3.52
N ALA B 378 20.29 1.59 -3.87
CA ALA B 378 21.49 1.22 -3.15
C ALA B 378 21.45 1.72 -1.72
N LYS B 379 20.91 2.93 -1.58
CA LYS B 379 20.77 3.57 -0.29
C LYS B 379 19.45 4.32 -0.22
N PRO B 380 18.40 3.64 0.27
CA PRO B 380 17.07 4.26 0.32
C PRO B 380 17.10 5.45 1.27
N LYS B 381 16.82 6.63 0.73
CA LYS B 381 16.68 7.81 1.56
C LYS B 381 15.47 8.66 1.09
N PHE B 382 14.42 8.62 1.91
CA PHE B 382 13.22 9.38 1.62
C PHE B 382 12.56 9.77 2.91
N GLY B 383 11.66 10.72 2.82
CA GLY B 383 10.90 11.11 3.98
C GLY B 383 9.52 11.57 3.65
N SER B 384 8.91 12.18 4.64
CA SER B 384 7.57 12.67 4.47
C SER B 384 7.41 13.79 5.44
N TYR B 385 6.65 14.80 5.02
CA TYR B 385 6.17 15.82 5.90
C TYR B 385 4.68 15.80 5.90
N TRP B 386 4.09 16.13 7.04
CA TRP B 386 2.65 16.16 7.19
C TRP B 386 2.29 17.62 7.29
N ILE B 387 1.33 18.06 6.47
CA ILE B 387 0.93 19.48 6.45
C ILE B 387 -0.45 19.68 6.99
N LYS B 388 -0.59 20.67 7.88
CA LYS B 388 -1.90 21.07 8.40
C LYS B 388 -1.92 22.56 8.69
N ASP B 389 -3.01 23.22 8.25
CA ASP B 389 -3.23 24.66 8.41
C ASP B 389 -2.10 25.45 7.80
N GLY B 390 -1.62 24.97 6.65
CA GLY B 390 -0.48 25.61 5.97
C GLY B 390 0.89 25.41 6.62
N LYS B 391 1.01 24.43 7.52
CA LYS B 391 2.31 24.18 8.17
C LYS B 391 2.68 22.72 8.44
N VAL B 392 3.99 22.49 8.46
CA VAL B 392 4.56 21.17 8.62
C VAL B 392 4.46 20.82 10.09
N VAL B 393 3.64 19.86 10.44
CA VAL B 393 3.52 19.49 11.82
C VAL B 393 4.12 18.14 12.13
N GLY B 394 4.57 17.40 11.10
CA GLY B 394 5.17 16.04 11.30
C GLY B 394 6.23 15.81 10.25
N ALA B 395 7.27 15.02 10.56
CA ALA B 395 8.33 14.70 9.62
C ALA B 395 8.95 13.32 9.88
N PHE B 396 9.13 12.58 8.80
CA PHE B 396 9.59 11.22 8.79
C PHE B 396 10.82 11.19 7.85
N LEU B 397 11.83 10.42 8.26
CA LEU B 397 13.03 10.25 7.45
C LEU B 397 13.53 8.85 7.60
N GLU B 398 13.66 8.18 6.47
CA GLU B 398 14.28 6.85 6.44
C GLU B 398 15.73 7.06 5.94
N GLY B 399 16.66 6.39 6.61
CA GLY B 399 18.05 6.34 6.18
C GLY B 399 18.75 7.67 6.19
N GLY B 400 18.52 8.44 7.25
CA GLY B 400 19.09 9.78 7.36
C GLY B 400 20.34 9.72 8.20
N SER B 401 21.23 10.69 8.00
CA SER B 401 22.43 10.81 8.83
C SER B 401 22.00 11.46 10.13
N GLY B 402 22.91 11.47 11.11
CA GLY B 402 22.72 12.21 12.34
C GLY B 402 22.32 13.67 12.17
N ASP B 403 22.89 14.37 11.21
CA ASP B 403 22.55 15.79 10.99
C ASP B 403 21.17 16.03 10.35
N GLU B 404 20.80 15.18 9.39
CA GLU B 404 19.54 15.24 8.68
C GLU B 404 18.44 14.88 9.64
N ASN B 405 18.65 13.84 10.43
CA ASN B 405 17.70 13.51 11.48
C ASN B 405 17.41 14.68 12.40
N GLY B 406 18.48 15.37 12.85
CA GLY B 406 18.44 16.65 13.59
C GLY B 406 17.58 17.75 12.95
N LEU B 407 17.70 17.95 11.63
CA LEU B 407 16.91 18.96 10.93
C LEU B 407 15.43 18.70 10.87
N ILE B 408 15.01 17.44 10.72
CA ILE B 408 13.56 17.21 10.72
C ILE B 408 12.95 17.38 12.12
N ALA B 409 13.78 17.14 13.15
CA ALA B 409 13.38 17.41 14.55
C ALA B 409 13.10 18.89 14.68
N LYS B 410 14.03 19.66 14.15
CA LYS B 410 13.92 21.12 14.09
C LYS B 410 12.63 21.57 13.36
N VAL B 411 12.32 20.93 12.23
CA VAL B 411 11.11 21.23 11.49
C VAL B 411 9.85 20.92 12.30
N ALA B 412 9.82 19.77 12.98
CA ALA B 412 8.62 19.36 13.73
C ALA B 412 8.38 20.27 14.94
N ARG B 413 9.46 20.80 15.48
CA ARG B 413 9.35 21.71 16.61
C ARG B 413 8.85 23.11 16.18
N ALA B 414 9.50 23.67 15.15
CA ALA B 414 9.15 25.02 14.65
C ALA B 414 7.77 25.18 13.94
N GLN B 415 7.30 24.13 13.27
CA GLN B 415 6.11 24.18 12.45
C GLN B 415 6.16 25.30 11.38
N PRO B 416 7.15 25.23 10.49
CA PRO B 416 7.33 26.33 9.52
C PRO B 416 6.13 26.41 8.52
N PRO B 417 5.84 27.62 7.99
CA PRO B 417 4.77 27.65 6.99
C PRO B 417 5.25 26.96 5.71
N VAL B 418 4.35 26.35 4.98
CA VAL B 418 4.76 25.60 3.80
C VAL B 418 4.65 26.46 2.53
N SER B 419 3.41 26.91 2.25
CA SER B 419 3.10 27.85 1.14
C SER B 419 3.22 27.32 -0.32
N SER B 420 3.85 26.15 -0.52
CA SER B 420 4.01 25.54 -1.85
C SER B 420 4.42 24.05 -1.75
N ILE B 421 3.43 23.16 -1.79
CA ILE B 421 3.71 21.73 -1.62
C ILE B 421 4.69 21.32 -2.71
N GLU B 422 4.49 21.88 -3.89
CA GLU B 422 5.38 21.73 -5.01
C GLU B 422 6.84 21.61 -4.62
N GLU B 423 7.42 22.71 -4.18
CA GLU B 423 8.83 22.75 -3.86
C GLU B 423 8.97 22.59 -2.36
N LEU B 424 8.37 21.51 -1.87
CA LEU B 424 8.68 20.87 -0.60
C LEU B 424 9.12 19.45 -0.95
N LYS B 425 8.46 18.86 -1.96
CA LYS B 425 8.80 17.55 -2.57
C LYS B 425 10.20 17.48 -3.18
N GLN B 426 10.66 18.60 -3.73
CA GLN B 426 12.07 18.82 -3.98
C GLN B 426 12.42 20.18 -3.38
N ASP B 427 13.39 20.25 -2.49
CA ASP B 427 14.03 19.08 -1.90
C ASP B 427 13.64 19.11 -0.42
N GLY B 428 13.27 17.95 0.11
CA GLY B 428 12.77 17.84 1.46
C GLY B 428 13.70 18.33 2.54
N LEU B 429 14.91 17.80 2.56
CA LEU B 429 15.82 18.18 3.63
C LEU B 429 16.39 19.60 3.47
N LEU B 430 16.46 20.12 2.25
CA LEU B 430 16.93 21.49 2.06
C LEU B 430 15.92 22.49 2.61
N PHE B 431 14.63 22.14 2.57
CA PHE B 431 13.57 22.95 3.21
C PHE B 431 13.74 22.94 4.70
N ALA B 432 14.23 21.82 5.23
CA ALA B 432 14.57 21.69 6.64
C ALA B 432 15.64 22.73 7.05
N SER B 433 16.74 22.78 6.28
CA SER B 433 17.82 23.79 6.43
C SER B 433 17.35 25.25 6.34
N LYS B 434 16.08 25.44 5.97
CA LYS B 434 15.39 26.68 6.22
C LYS B 434 14.31 26.43 7.29
PA FAD C . -7.91 -3.33 -31.32
O1A FAD C . -6.99 -4.36 -30.72
O2A FAD C . -9.33 -3.15 -30.87
O5B FAD C . -8.02 -3.76 -32.86
C5B FAD C . -6.97 -4.04 -33.80
C4B FAD C . -7.54 -5.00 -34.89
O4B FAD C . -6.62 -5.23 -35.97
C3B FAD C . -7.80 -6.40 -34.33
O3B FAD C . -9.05 -6.94 -34.76
C2B FAD C . -6.65 -7.24 -34.86
O2B FAD C . -6.90 -8.65 -34.87
C1B FAD C . -6.51 -6.62 -36.23
N9A FAD C . -5.18 -6.83 -36.84
C8A FAD C . -4.00 -6.62 -36.27
N7A FAD C . -2.99 -6.86 -37.10
C5A FAD C . -3.56 -7.23 -38.26
C6A FAD C . -3.05 -7.68 -39.58
N6A FAD C . -1.68 -7.75 -39.82
N1A FAD C . -3.97 -8.01 -40.50
C2A FAD C . -5.29 -7.99 -40.27
N3A FAD C . -5.83 -7.59 -39.10
C4A FAD C . -5.00 -7.22 -38.09
N1 FAD C . -9.59 0.29 -22.44
C2 FAD C . -10.34 1.06 -21.62
O2 FAD C . -10.25 2.30 -21.79
N3 FAD C . -11.10 0.56 -20.62
C4 FAD C . -11.22 -0.78 -20.39
O4 FAD C . -11.97 -1.26 -19.48
C4X FAD C . -10.47 -1.67 -21.26
N5 FAD C . -10.59 -3.01 -21.12
C5X FAD C . -9.92 -3.81 -21.98
C6 FAD C . -10.02 -5.18 -21.81
C7 FAD C . -9.34 -6.06 -22.64
C7M FAD C . -9.47 -7.53 -22.49
C8 FAD C . -8.49 -5.54 -23.70
C8M FAD C . -7.75 -6.49 -24.58
C9 FAD C . -8.34 -4.19 -23.88
C9A FAD C . -9.03 -3.27 -23.07
N10 FAD C . -8.83 -1.88 -23.25
C10 FAD C . -9.63 -1.06 -22.37
C1' FAD C . -8.04 -1.30 -24.41
C2' FAD C . -9.11 -1.20 -25.58
O2' FAD C . -9.74 -2.45 -25.64
C3' FAD C . -8.92 -0.94 -27.12
O3' FAD C . -9.31 -1.96 -28.10
C4' FAD C . -7.51 -0.68 -27.36
O4' FAD C . -7.09 0.32 -26.39
C5' FAD C . -7.29 -0.32 -28.86
O5' FAD C . -8.28 -0.35 -29.89
P FAD C . -7.64 -0.45 -31.41
O1P FAD C . -6.37 0.41 -31.54
O2P FAD C . -8.64 -0.30 -32.53
O3P FAD C . -7.06 -1.95 -31.37
PA FAD D . 8.24 -0.44 31.41
O1A FAD D . 9.63 -0.23 30.79
O2A FAD D . 7.39 -1.58 30.97
O5B FAD D . 8.48 -0.77 32.95
C5B FAD D . 7.31 -1.11 33.73
C4B FAD D . 7.83 -1.90 34.91
O4B FAD D . 6.90 -2.01 35.98
C3B FAD D . 8.11 -3.32 34.47
O3B FAD D . 9.36 -3.73 35.01
C2B FAD D . 7.04 -4.15 35.11
O2B FAD D . 7.50 -5.51 35.29
C1B FAD D . 6.88 -3.39 36.41
N9A FAD D . 5.61 -3.61 37.12
C8A FAD D . 4.34 -3.44 36.60
N7A FAD D . 3.40 -3.65 37.57
C5A FAD D . 4.09 -3.97 38.67
C6A FAD D . 3.72 -4.35 40.01
N6A FAD D . 2.41 -4.42 40.32
N1A FAD D . 4.70 -4.61 40.90
C2A FAD D . 6.02 -4.57 40.59
N3A FAD D . 6.44 -4.23 39.34
C4A FAD D . 5.52 -3.95 38.38
N1 FAD D . 9.65 2.40 22.07
C2 FAD D . 10.33 3.17 21.18
O2 FAD D . 10.15 4.41 21.22
N3 FAD D . 11.17 2.62 20.27
C4 FAD D . 11.34 1.30 20.22
O4 FAD D . 12.11 0.75 19.44
C4X FAD D . 10.64 0.43 21.13
N5 FAD D . 10.81 -0.89 21.13
C5X FAD D . 10.16 -1.69 22.00
C6 FAD D . 10.33 -3.04 21.97
C7 FAD D . 9.68 -3.87 22.87
C7M FAD D . 9.86 -5.34 22.83
C8 FAD D . 8.79 -3.30 23.85
C8M FAD D . 8.06 -4.22 24.80
C9 FAD D . 8.58 -1.95 23.88
C9A FAD D . 9.24 -1.11 23.01
N10 FAD D . 9.08 0.29 23.03
C10 FAD D . 9.77 1.08 22.10
C1' FAD D . 8.19 0.94 23.97
C2' FAD D . 9.04 1.33 25.19
O2' FAD D . 9.95 0.33 25.63
C3' FAD D . 8.09 1.66 26.33
O3' FAD D . 7.59 2.92 25.83
C4' FAD D . 8.82 1.77 27.69
O4' FAD D . 9.42 0.53 28.18
C5' FAD D . 7.86 2.20 28.76
O5' FAD D . 8.61 2.43 29.96
P FAD D . 7.75 2.31 31.28
O1P FAD D . 8.71 2.47 32.45
O2P FAD D . 6.58 3.18 31.16
O3P FAD D . 7.25 0.83 31.32
#